data_1K75
#
_entry.id   1K75
#
_cell.length_a   54.370
_cell.length_b   107.520
_cell.length_c   157.200
_cell.angle_alpha   90.00
_cell.angle_beta   90.00
_cell.angle_gamma   90.00
#
_symmetry.space_group_name_H-M   'P 21 21 21'
#
loop_
_entity.id
_entity.type
_entity.pdbx_description
1 polymer 'L-histidinol dehydrogenase'
2 non-polymer 'SULFATE ION'
3 non-polymer GLYCEROL
4 water water
#
_entity_poly.entity_id   1
_entity_poly.type   'polypeptide(L)'
_entity_poly.pdbx_seq_one_letter_code
;MSFNTIIDWNSCTAEQQRQLL(MSE)RPAISASESITRTVNDILDNVKARGDEALREYSAKFDKTTVTALKVSAEEIAAA
SERLSDELKQA(MSE)AVAVKNIETFHTAQKLPPVDVETQPGVRCQQVTRPVASVGLYIPGGSAPLFSTVL(MSE)LATP
ASIAGCKKVVLCSPPPIADEILYAAQLCGVQDVFNVGGAQAIAALAFGTESVPKVDKIFGPGNAFVTEAKRQVSQRLDGA
AID(MSE)PAGPSEVLVIADSGATPDFVASDLLSQAEHGPDSQVILLTPAAD(MSE)ARRVAEAVERQLAELPRAETARQ
ALNASRLIVTKDLAQCVEISNQYGPEHLIIQTRNARELVDSITSAGSVFLGDWSPESAGDYASGTNHVLPTYGYTATCSS
LGLADFQKR(MSE)TVQELSKEGFSALASTIETLAAAERLTAHKNAVTLRVNALKEQA
;
_entity_poly.pdbx_strand_id   A,B
#
# COMPACT_ATOMS: atom_id res chain seq x y z
N ASN A 4 20.21 26.46 19.31
CA ASN A 4 20.76 26.11 20.66
C ASN A 4 19.90 26.63 21.82
N THR A 5 18.66 26.15 21.90
CA THR A 5 17.74 26.55 22.97
C THR A 5 17.04 25.28 23.43
N ILE A 6 17.40 24.79 24.61
CA ILE A 6 16.81 23.56 25.12
C ILE A 6 15.37 23.78 25.58
N ILE A 7 14.48 22.85 25.21
CA ILE A 7 13.08 22.93 25.59
C ILE A 7 12.84 21.96 26.75
N ASP A 8 12.32 22.44 27.88
CA ASP A 8 12.05 21.52 28.99
C ASP A 8 10.60 21.07 28.83
N TRP A 9 10.42 19.86 28.31
CA TRP A 9 9.11 19.33 28.02
C TRP A 9 8.05 19.50 29.11
N ASN A 10 8.40 19.18 30.35
CA ASN A 10 7.39 19.26 31.40
C ASN A 10 7.13 20.62 32.03
N SER A 11 7.82 21.65 31.54
CA SER A 11 7.60 23.02 31.99
C SER A 11 6.66 23.62 30.96
N CYS A 12 6.57 22.94 29.83
CA CYS A 12 5.72 23.37 28.73
C CYS A 12 4.25 23.20 29.01
N THR A 13 3.46 24.20 28.61
CA THR A 13 2.01 24.10 28.78
C THR A 13 1.60 22.97 27.83
N ALA A 14 0.38 22.47 27.96
CA ALA A 14 -0.07 21.39 27.09
C ALA A 14 -0.08 21.86 25.64
N GLU A 15 -0.36 23.14 25.44
CA GLU A 15 -0.41 23.70 24.09
C GLU A 15 0.98 23.73 23.47
N GLN A 16 1.95 24.18 24.25
CA GLN A 16 3.33 24.24 23.77
C GLN A 16 3.76 22.83 23.36
N GLN A 17 3.37 21.82 24.14
CA GLN A 17 3.73 20.43 23.83
C GLN A 17 3.13 19.99 22.48
N ARG A 18 1.87 20.34 22.26
CA ARG A 18 1.21 19.98 21.01
C ARG A 18 1.90 20.66 19.82
N GLN A 19 2.19 21.95 19.98
CA GLN A 19 2.84 22.70 18.91
C GLN A 19 4.23 22.17 18.58
N LEU A 20 4.98 21.74 19.60
CA LEU A 20 6.33 21.22 19.40
C LEU A 20 6.40 19.96 18.52
N LEU A 21 5.32 19.18 18.49
CA LEU A 21 5.30 17.97 17.69
C LEU A 21 4.57 18.11 16.36
N ARG A 23 4.03 19.09 12.40
CA ARG A 23 4.87 19.04 11.22
C ARG A 23 4.57 20.28 10.35
N PRO A 24 5.48 20.64 9.44
CA PRO A 24 5.29 21.81 8.56
C PRO A 24 3.94 21.76 7.85
N ALA A 25 3.22 22.87 7.83
CA ALA A 25 1.94 22.89 7.14
C ALA A 25 2.23 22.72 5.63
N ILE A 26 1.41 21.93 4.94
CA ILE A 26 1.62 21.69 3.52
C ILE A 26 1.31 22.94 2.71
N SER A 27 2.19 23.25 1.76
CA SER A 27 2.00 24.42 0.90
C SER A 27 2.01 23.99 -0.57
N ALA A 28 1.06 23.12 -0.93
CA ALA A 28 0.97 22.63 -2.30
C ALA A 28 0.55 23.76 -3.25
N SER A 29 1.49 24.68 -3.50
CA SER A 29 1.26 25.82 -4.37
C SER A 29 0.32 25.52 -5.54
N GLU A 30 -0.76 26.30 -5.64
CA GLU A 30 -1.71 26.11 -6.72
C GLU A 30 -0.97 26.29 -8.03
N SER A 31 0.15 27.02 -7.99
CA SER A 31 0.95 27.25 -9.18
C SER A 31 1.75 25.97 -9.48
N ILE A 32 2.21 25.30 -8.43
CA ILE A 32 2.96 24.05 -8.62
C ILE A 32 2.02 23.02 -9.20
N THR A 33 0.79 22.98 -8.70
CA THR A 33 -0.20 22.03 -9.17
C THR A 33 -0.62 22.35 -10.60
N ARG A 34 -0.69 23.65 -10.91
CA ARG A 34 -1.08 24.10 -12.23
C ARG A 34 0.01 23.73 -13.24
N THR A 35 1.25 24.08 -12.91
CA THR A 35 2.39 23.80 -13.76
C THR A 35 2.52 22.28 -13.94
N VAL A 36 2.44 21.55 -12.84
CA VAL A 36 2.57 20.10 -12.90
C VAL A 36 1.47 19.49 -13.74
N ASN A 37 0.26 20.04 -13.66
CA ASN A 37 -0.85 19.52 -14.44
C ASN A 37 -0.67 19.76 -15.93
N ASP A 38 -0.17 20.95 -16.29
CA ASP A 38 0.06 21.26 -17.69
C ASP A 38 1.16 20.37 -18.23
N ILE A 39 2.17 20.13 -17.41
CA ILE A 39 3.28 19.28 -17.82
C ILE A 39 2.75 17.88 -18.10
N LEU A 40 2.02 17.31 -17.13
CA LEU A 40 1.46 15.97 -17.32
C LEU A 40 0.60 15.88 -18.58
N ASP A 41 -0.35 16.79 -18.73
CA ASP A 41 -1.23 16.75 -19.90
C ASP A 41 -0.45 16.83 -21.20
N ASN A 42 0.51 17.75 -21.22
CA ASN A 42 1.34 17.95 -22.40
C ASN A 42 2.12 16.70 -22.75
N VAL A 43 2.75 16.06 -21.75
CA VAL A 43 3.52 14.86 -22.02
C VAL A 43 2.62 13.74 -22.48
N LYS A 44 1.45 13.63 -21.87
CA LYS A 44 0.54 12.58 -22.27
C LYS A 44 0.08 12.78 -23.71
N ALA A 45 -0.14 14.04 -24.06
CA ALA A 45 -0.63 14.41 -25.39
C ALA A 45 0.42 14.49 -26.49
N ARG A 46 1.64 14.90 -26.14
CA ARG A 46 2.67 15.06 -27.17
C ARG A 46 3.99 14.30 -27.03
N GLY A 47 4.07 13.45 -26.01
CA GLY A 47 5.24 12.63 -25.81
C GLY A 47 6.63 13.26 -25.86
N ASP A 48 7.53 12.62 -26.60
CA ASP A 48 8.91 13.09 -26.70
C ASP A 48 9.02 14.55 -27.15
N GLU A 49 8.10 15.00 -28.02
CA GLU A 49 8.14 16.37 -28.48
C GLU A 49 8.09 17.30 -27.29
N ALA A 50 7.11 17.08 -26.41
CA ALA A 50 6.97 17.89 -25.22
C ALA A 50 8.18 17.74 -24.30
N LEU A 51 8.68 16.52 -24.15
CA LEU A 51 9.85 16.28 -23.32
C LEU A 51 11.03 17.11 -23.78
N ARG A 52 11.30 17.06 -25.09
CA ARG A 52 12.44 17.80 -25.63
C ARG A 52 12.28 19.31 -25.47
N GLU A 53 11.04 19.80 -25.45
CA GLU A 53 10.80 21.23 -25.26
C GLU A 53 11.23 21.61 -23.85
N TYR A 54 10.77 20.83 -22.87
CA TYR A 54 11.14 21.09 -21.49
C TYR A 54 12.64 20.98 -21.34
N SER A 55 13.24 20.13 -22.18
CA SER A 55 14.69 19.93 -22.14
C SER A 55 15.41 21.21 -22.58
N ALA A 56 14.81 21.92 -23.53
CA ALA A 56 15.36 23.16 -24.06
C ALA A 56 15.24 24.29 -23.05
N LYS A 57 14.13 24.29 -22.30
CA LYS A 57 13.89 25.31 -21.29
C LYS A 57 14.69 24.94 -20.05
N PHE A 58 14.05 24.23 -19.12
CA PHE A 58 14.70 23.80 -17.89
C PHE A 58 16.11 23.29 -18.16
N ASP A 59 17.08 23.57 -17.62
CA ASP A 59 18.30 22.79 -17.65
C ASP A 59 18.48 22.45 -19.13
N LYS A 60 18.38 22.95 -19.53
CA LYS A 60 18.76 23.31 -20.89
C LYS A 60 19.96 22.47 -21.30
N THR A 61 19.69 21.24 -21.75
CA THR A 61 20.75 20.33 -22.18
C THR A 61 20.51 19.80 -23.60
N THR A 62 19.38 20.16 -24.19
CA THR A 62 19.03 19.72 -25.55
C THR A 62 19.23 18.22 -25.73
N VAL A 63 18.30 17.43 -25.20
CA VAL A 63 18.39 15.98 -25.30
C VAL A 63 18.04 15.50 -26.69
N THR A 64 18.78 14.52 -27.18
CA THR A 64 18.48 13.94 -28.48
C THR A 64 17.83 12.60 -28.17
N ALA A 65 18.62 11.54 -28.04
CA ALA A 65 18.05 10.24 -27.68
C ALA A 65 17.77 10.25 -26.16
N LEU A 66 16.52 9.96 -25.77
CA LEU A 66 16.17 9.93 -24.34
C LEU A 66 16.93 8.79 -23.66
N LYS A 67 17.09 7.67 -24.36
CA LYS A 67 17.78 6.52 -23.78
C LYS A 67 19.31 6.68 -23.81
N VAL A 68 19.93 6.53 -22.65
CA VAL A 68 21.40 6.58 -22.55
C VAL A 68 21.90 5.31 -23.24
N SER A 69 22.92 5.42 -24.08
CA SER A 69 23.38 4.22 -24.78
C SER A 69 24.32 3.36 -23.94
N ALA A 70 24.45 2.11 -24.37
CA ALA A 70 25.34 1.16 -23.72
C ALA A 70 26.76 1.73 -23.75
N GLU A 71 27.11 2.40 -24.85
CA GLU A 71 28.45 2.98 -24.96
C GLU A 71 28.67 4.06 -23.90
N GLU A 72 27.67 4.91 -23.72
CA GLU A 72 27.78 5.97 -22.72
C GLU A 72 27.89 5.38 -21.31
N ILE A 73 27.16 4.30 -21.05
CA ILE A 73 27.22 3.67 -19.75
C ILE A 73 28.60 3.03 -19.55
N ALA A 74 29.13 2.38 -20.58
CA ALA A 74 30.44 1.77 -20.45
C ALA A 74 31.53 2.85 -20.21
N ALA A 75 31.43 3.98 -20.88
CA ALA A 75 32.42 5.05 -20.73
C ALA A 75 32.36 5.63 -19.30
N ALA A 76 31.14 5.80 -18.81
CA ALA A 76 30.93 6.32 -17.44
C ALA A 76 31.55 5.35 -16.45
N SER A 77 31.28 4.06 -16.64
CA SER A 77 31.79 3.03 -15.76
C SER A 77 33.31 2.97 -15.70
N GLU A 78 33.96 3.24 -16.82
CA GLU A 78 35.42 3.16 -16.85
C GLU A 78 36.06 4.29 -16.02
N ARG A 79 35.38 5.43 -15.99
CA ARG A 79 35.88 6.60 -15.27
C ARG A 79 35.84 6.52 -13.73
N LEU A 80 35.00 5.64 -13.19
CA LEU A 80 34.92 5.53 -11.72
C LEU A 80 36.11 4.77 -11.14
N SER A 81 36.44 5.07 -9.88
CA SER A 81 37.56 4.41 -9.21
C SER A 81 37.20 3.00 -8.78
N ASP A 82 38.22 2.15 -8.64
CA ASP A 82 37.94 0.79 -8.16
C ASP A 82 37.44 0.87 -6.72
N GLU A 83 37.92 1.85 -5.96
CA GLU A 83 37.49 2.02 -4.55
C GLU A 83 35.96 2.21 -4.47
N LEU A 84 35.45 3.08 -5.33
CA LEU A 84 34.01 3.34 -5.35
C LEU A 84 33.24 2.11 -5.81
N LYS A 85 33.71 1.47 -6.88
CA LYS A 85 33.00 0.28 -7.36
C LYS A 85 32.92 -0.79 -6.30
N GLN A 86 34.02 -0.99 -5.58
CA GLN A 86 34.02 -2.03 -4.54
C GLN A 86 33.08 -1.65 -3.39
N ALA A 87 33.00 -0.36 -3.03
CA ALA A 87 32.10 0.03 -1.94
C ALA A 87 30.63 -0.19 -2.36
N ALA A 89 29.60 -2.46 -4.33
CA ALA A 89 29.38 -3.90 -4.32
C ALA A 89 29.08 -4.40 -2.90
N VAL A 90 29.76 -3.85 -1.90
CA VAL A 90 29.49 -4.28 -0.52
C VAL A 90 28.04 -3.91 -0.18
N ALA A 91 27.68 -2.68 -0.53
CA ALA A 91 26.34 -2.17 -0.26
C ALA A 91 25.28 -3.05 -0.93
N VAL A 92 25.44 -3.28 -2.24
CA VAL A 92 24.48 -4.11 -2.98
C VAL A 92 24.35 -5.51 -2.38
N LYS A 93 25.49 -6.10 -2.00
CA LYS A 93 25.44 -7.42 -1.38
C LYS A 93 24.59 -7.43 -0.10
N ASN A 94 24.78 -6.43 0.75
CA ASN A 94 24.03 -6.38 2.00
C ASN A 94 22.54 -6.04 1.76
N ILE A 95 22.28 -5.14 0.82
CA ILE A 95 20.91 -4.78 0.49
C ILE A 95 20.20 -6.03 -0.07
N GLU A 96 20.92 -6.80 -0.88
CA GLU A 96 20.36 -8.02 -1.48
C GLU A 96 20.05 -9.05 -0.36
N THR A 97 20.97 -9.22 0.57
CA THR A 97 20.79 -10.19 1.65
C THR A 97 19.56 -9.88 2.49
N PHE A 98 19.40 -8.61 2.87
CA PHE A 98 18.27 -8.25 3.69
C PHE A 98 16.95 -8.34 2.97
N HIS A 99 16.91 -7.86 1.73
CA HIS A 99 15.66 -7.88 0.99
C HIS A 99 15.28 -9.30 0.55
N THR A 100 16.26 -10.15 0.27
CA THR A 100 15.95 -11.53 -0.11
C THR A 100 15.31 -12.23 1.09
N ALA A 101 15.76 -11.88 2.31
CA ALA A 101 15.20 -12.49 3.51
C ALA A 101 13.73 -12.08 3.76
N GLN A 102 13.23 -11.13 2.97
CA GLN A 102 11.85 -10.66 3.12
C GLN A 102 10.83 -11.45 2.28
N LYS A 103 11.31 -12.42 1.52
CA LYS A 103 10.38 -13.18 0.68
C LYS A 103 9.30 -13.83 1.54
N LEU A 104 8.03 -13.62 1.18
CA LEU A 104 6.91 -14.19 1.95
C LEU A 104 6.91 -15.70 1.75
N PRO A 105 7.01 -16.48 2.84
CA PRO A 105 7.01 -17.93 2.63
C PRO A 105 5.62 -18.35 2.09
N PRO A 106 5.52 -19.58 1.57
CA PRO A 106 4.25 -20.06 1.03
C PRO A 106 3.10 -20.14 2.04
N VAL A 107 1.92 -19.68 1.64
CA VAL A 107 0.76 -19.79 2.51
C VAL A 107 -0.13 -20.79 1.80
N ASP A 108 -0.39 -21.94 2.43
CA ASP A 108 -1.18 -22.98 1.78
C ASP A 108 -1.80 -23.79 2.93
N VAL A 109 -3.09 -23.59 3.15
CA VAL A 109 -3.76 -24.24 4.25
C VAL A 109 -5.17 -24.67 3.92
N GLU A 110 -5.59 -25.79 4.52
CA GLU A 110 -6.96 -26.23 4.38
C GLU A 110 -7.67 -25.68 5.62
N THR A 111 -8.50 -24.64 5.42
CA THR A 111 -9.24 -24.02 6.54
C THR A 111 -10.11 -25.09 7.18
N GLN A 112 -10.68 -25.97 6.36
CA GLN A 112 -11.38 -27.18 6.83
C GLN A 112 -11.03 -28.22 5.75
N PRO A 113 -11.20 -29.51 6.07
CA PRO A 113 -10.86 -30.52 5.07
C PRO A 113 -11.46 -30.26 3.70
N GLY A 114 -10.61 -30.31 2.68
CA GLY A 114 -11.08 -30.11 1.32
C GLY A 114 -11.31 -28.65 0.91
N VAL A 115 -10.94 -27.72 1.78
CA VAL A 115 -11.09 -26.28 1.44
C VAL A 115 -9.68 -25.67 1.48
N ARG A 116 -9.03 -25.66 0.32
CA ARG A 116 -7.65 -25.26 0.23
C ARG A 116 -7.46 -23.83 -0.21
N CYS A 117 -6.92 -23.03 0.71
CA CYS A 117 -6.69 -21.60 0.47
C CYS A 117 -5.19 -21.27 0.44
N GLN A 118 -4.79 -20.53 -0.57
CA GLN A 118 -3.39 -20.16 -0.70
C GLN A 118 -3.20 -18.67 -0.94
N GLN A 119 -2.00 -18.22 -0.62
CA GLN A 119 -1.61 -16.86 -0.89
C GLN A 119 -0.29 -16.97 -1.61
N VAL A 120 -0.27 -16.48 -2.84
CA VAL A 120 0.97 -16.53 -3.57
C VAL A 120 1.36 -15.12 -3.94
N THR A 121 2.57 -14.97 -4.45
CA THR A 121 3.01 -13.64 -4.84
C THR A 121 3.34 -13.59 -6.34
N ARG A 122 3.17 -12.40 -6.89
CA ARG A 122 3.47 -12.17 -8.28
C ARG A 122 4.14 -10.80 -8.31
N PRO A 123 5.15 -10.63 -9.17
CA PRO A 123 5.81 -9.33 -9.24
C PRO A 123 4.99 -8.26 -9.95
N VAL A 124 5.29 -7.00 -9.66
CA VAL A 124 4.66 -5.91 -10.38
C VAL A 124 5.43 -6.05 -11.71
N ALA A 125 4.70 -6.08 -12.82
CA ALA A 125 5.33 -6.31 -14.11
C ALA A 125 6.34 -5.29 -14.62
N SER A 126 6.01 -4.03 -14.43
CA SER A 126 6.85 -2.96 -14.95
C SER A 126 7.01 -1.90 -13.89
N VAL A 127 8.25 -1.49 -13.64
CA VAL A 127 8.49 -0.46 -12.66
C VAL A 127 9.46 0.60 -13.18
N GLY A 128 9.18 1.85 -12.83
CA GLY A 128 10.01 2.99 -13.22
C GLY A 128 10.62 3.58 -11.98
N LEU A 129 11.92 3.86 -12.02
CA LEU A 129 12.66 4.40 -10.88
C LEU A 129 13.10 5.83 -11.14
N TYR A 130 12.88 6.71 -10.17
CA TYR A 130 13.31 8.10 -10.33
C TYR A 130 14.51 8.44 -9.43
N ILE A 131 15.51 9.10 -10.02
CA ILE A 131 16.71 9.55 -9.29
C ILE A 131 16.95 11.03 -9.59
N PRO A 132 17.00 11.88 -8.54
CA PRO A 132 17.22 13.31 -8.75
C PRO A 132 18.59 13.61 -9.40
N GLY A 133 18.77 14.84 -9.87
CA GLY A 133 20.04 15.24 -10.45
C GLY A 133 20.84 16.13 -9.49
N GLY A 134 21.30 17.28 -9.97
CA GLY A 134 22.09 18.18 -9.13
C GLY A 134 23.58 17.93 -9.24
N SER A 135 24.38 18.79 -8.60
CA SER A 135 25.83 18.64 -8.65
C SER A 135 26.33 17.38 -7.93
N ALA A 136 25.60 16.95 -6.89
CA ALA A 136 25.99 15.76 -6.14
C ALA A 136 25.14 14.57 -6.61
N PRO A 137 25.79 13.45 -6.95
CA PRO A 137 25.01 12.29 -7.41
C PRO A 137 24.45 11.36 -6.32
N LEU A 138 23.12 11.21 -6.27
CA LEU A 138 22.46 10.34 -5.29
C LEU A 138 22.30 8.90 -5.79
N PHE A 139 23.42 8.33 -6.21
CA PHE A 139 23.42 6.99 -6.75
C PHE A 139 23.01 5.91 -5.76
N SER A 140 23.12 6.16 -4.45
CA SER A 140 22.76 5.11 -3.51
C SER A 140 21.30 4.72 -3.65
N THR A 141 20.42 5.67 -3.97
CA THR A 141 19.00 5.35 -4.12
C THR A 141 18.81 4.32 -5.26
N VAL A 142 19.67 4.36 -6.27
CA VAL A 142 19.58 3.37 -7.36
C VAL A 142 19.74 1.96 -6.79
N LEU A 143 20.66 1.80 -5.85
CA LEU A 143 20.92 0.49 -5.23
C LEU A 143 19.71 0.04 -4.43
N LEU A 145 16.51 0.93 -4.85
CA LEU A 145 15.32 0.68 -5.68
C LEU A 145 15.46 -0.50 -6.65
N ALA A 146 16.60 -0.56 -7.34
CA ALA A 146 16.83 -1.60 -8.34
C ALA A 146 17.08 -3.00 -7.79
N THR A 147 17.67 -3.09 -6.60
CA THR A 147 17.94 -4.38 -5.99
C THR A 147 16.66 -5.14 -5.66
N PRO A 148 15.74 -4.51 -4.92
CA PRO A 148 14.48 -5.23 -4.62
C PRO A 148 13.68 -5.53 -5.89
N ALA A 149 13.69 -4.59 -6.85
CA ALA A 149 12.93 -4.80 -8.09
C ALA A 149 13.45 -6.05 -8.76
N SER A 150 14.75 -6.25 -8.71
CA SER A 150 15.40 -7.41 -9.31
C SER A 150 15.04 -8.68 -8.54
N ILE A 151 15.09 -8.61 -7.21
CA ILE A 151 14.77 -9.79 -6.40
C ILE A 151 13.31 -10.23 -6.61
N ALA A 152 12.41 -9.25 -6.78
CA ALA A 152 10.97 -9.51 -6.98
C ALA A 152 10.67 -10.14 -8.33
N GLY A 153 11.61 -10.00 -9.27
CA GLY A 153 11.39 -10.56 -10.59
C GLY A 153 10.59 -9.65 -11.51
N CYS A 154 10.64 -8.34 -11.27
CA CYS A 154 9.92 -7.39 -12.12
C CYS A 154 10.46 -7.54 -13.56
N LYS A 155 9.55 -7.74 -14.52
CA LYS A 155 9.96 -7.95 -15.92
C LYS A 155 10.66 -6.78 -16.57
N LYS A 156 10.14 -5.58 -16.32
CA LYS A 156 10.72 -4.36 -16.87
C LYS A 156 11.14 -3.44 -15.73
N VAL A 157 12.39 -2.94 -15.79
CA VAL A 157 12.88 -2.04 -14.76
C VAL A 157 13.59 -0.91 -15.50
N VAL A 158 13.05 0.30 -15.46
CA VAL A 158 13.69 1.44 -16.10
C VAL A 158 13.92 2.55 -15.10
N LEU A 159 14.79 3.50 -15.47
CA LEU A 159 15.13 4.61 -14.55
C LEU A 159 15.27 5.93 -15.27
N CYS A 160 14.77 7.02 -14.67
CA CYS A 160 14.91 8.36 -15.24
C CYS A 160 15.68 9.24 -14.28
N SER A 161 16.48 10.14 -14.83
CA SER A 161 17.25 11.08 -14.00
C SER A 161 17.54 12.28 -14.90
N PRO A 162 17.53 13.50 -14.35
CA PRO A 162 17.78 14.70 -15.16
C PRO A 162 19.17 14.68 -15.86
N PRO A 163 19.21 15.01 -17.17
CA PRO A 163 20.49 15.00 -17.87
C PRO A 163 21.31 16.27 -17.53
N PRO A 164 22.64 16.16 -17.56
CA PRO A 164 23.44 14.98 -17.87
C PRO A 164 23.47 14.10 -16.64
N ILE A 165 23.31 12.81 -16.85
CA ILE A 165 23.29 11.87 -15.72
C ILE A 165 24.68 11.49 -15.29
N ALA A 166 24.96 11.69 -14.02
CA ALA A 166 26.27 11.42 -13.44
C ALA A 166 26.79 10.01 -13.64
N ASP A 167 28.10 9.90 -13.80
CA ASP A 167 28.73 8.59 -13.98
C ASP A 167 28.34 7.56 -12.92
N GLU A 168 28.27 8.02 -11.68
CA GLU A 168 27.94 7.12 -10.57
C GLU A 168 26.53 6.51 -10.67
N ILE A 169 25.60 7.30 -11.16
CA ILE A 169 24.22 6.86 -11.32
C ILE A 169 24.16 5.83 -12.47
N LEU A 170 24.87 6.11 -13.57
CA LEU A 170 24.88 5.18 -14.70
C LEU A 170 25.49 3.85 -14.28
N TYR A 171 26.62 3.88 -13.56
CA TYR A 171 27.24 2.66 -13.11
C TYR A 171 26.32 1.89 -12.14
N ALA A 172 25.73 2.60 -11.19
CA ALA A 172 24.82 1.95 -10.23
C ALA A 172 23.66 1.27 -10.97
N ALA A 173 23.14 1.93 -12.00
CA ALA A 173 22.02 1.38 -12.74
C ALA A 173 22.44 0.08 -13.44
N GLN A 174 23.59 0.10 -14.10
CA GLN A 174 24.10 -1.07 -14.79
C GLN A 174 24.39 -2.20 -13.78
N LEU A 175 25.01 -1.84 -12.67
CA LEU A 175 25.35 -2.81 -11.62
C LEU A 175 24.12 -3.61 -11.16
N CYS A 176 22.99 -2.91 -11.02
CA CYS A 176 21.77 -3.52 -10.52
C CYS A 176 20.80 -4.03 -11.58
N GLY A 177 21.25 -4.17 -12.82
CA GLY A 177 20.37 -4.67 -13.85
C GLY A 177 19.27 -3.79 -14.41
N VAL A 178 19.36 -2.47 -14.20
CA VAL A 178 18.36 -1.56 -14.78
C VAL A 178 18.49 -1.72 -16.31
N GLN A 179 17.35 -1.87 -16.99
CA GLN A 179 17.35 -2.10 -18.44
C GLN A 179 17.54 -0.90 -19.34
N ASP A 180 16.85 0.18 -18.99
CA ASP A 180 16.90 1.41 -19.75
C ASP A 180 17.01 2.60 -18.79
N VAL A 181 17.90 3.52 -19.10
CA VAL A 181 18.10 4.73 -18.30
C VAL A 181 17.75 5.88 -19.23
N PHE A 182 16.89 6.77 -18.80
CA PHE A 182 16.44 7.88 -19.66
C PHE A 182 16.83 9.26 -19.18
N ASN A 183 17.19 10.11 -20.14
CA ASN A 183 17.61 11.50 -19.92
C ASN A 183 16.39 12.41 -19.75
N VAL A 184 15.70 12.29 -18.63
CA VAL A 184 14.52 13.14 -18.37
C VAL A 184 14.35 13.22 -16.86
N GLY A 185 14.06 14.42 -16.38
CA GLY A 185 13.90 14.61 -14.96
C GLY A 185 12.62 15.33 -14.58
N GLY A 186 12.48 15.60 -13.30
CA GLY A 186 11.32 16.31 -12.81
C GLY A 186 9.94 15.73 -13.08
N ALA A 187 8.95 16.63 -13.10
CA ALA A 187 7.57 16.23 -13.34
C ALA A 187 7.43 15.56 -14.68
N GLN A 188 8.21 16.00 -15.67
CA GLN A 188 8.10 15.40 -16.98
C GLN A 188 8.53 13.95 -16.95
N ALA A 189 9.51 13.60 -16.11
CA ALA A 189 9.96 12.21 -16.06
C ALA A 189 8.83 11.36 -15.50
N ILE A 190 8.25 11.81 -14.39
CA ILE A 190 7.15 11.06 -13.79
C ILE A 190 6.01 10.91 -14.79
N ALA A 191 5.67 11.97 -15.52
CA ALA A 191 4.60 11.86 -16.52
C ALA A 191 4.98 10.87 -17.61
N ALA A 192 6.24 10.92 -18.05
CA ALA A 192 6.74 10.00 -19.09
C ALA A 192 6.57 8.55 -18.63
N LEU A 193 6.94 8.26 -17.38
CA LEU A 193 6.79 6.89 -16.85
C LEU A 193 5.32 6.50 -16.64
N ALA A 194 4.49 7.47 -16.27
CA ALA A 194 3.08 7.15 -15.99
C ALA A 194 2.22 6.94 -17.23
N PHE A 195 2.51 7.70 -18.29
CA PHE A 195 1.72 7.64 -19.52
C PHE A 195 2.44 6.90 -20.64
N GLY A 196 3.78 6.88 -20.56
CA GLY A 196 4.61 6.29 -21.60
C GLY A 196 4.75 7.31 -22.73
N THR A 197 5.83 7.22 -23.50
CA THR A 197 6.02 8.11 -24.67
C THR A 197 6.59 7.25 -25.79
N GLU A 198 7.06 7.87 -26.87
CA GLU A 198 7.63 7.05 -27.93
C GLU A 198 8.92 6.36 -27.45
N SER A 199 9.58 6.96 -26.46
CA SER A 199 10.83 6.43 -25.96
C SER A 199 10.79 5.81 -24.58
N VAL A 200 9.93 6.35 -23.71
CA VAL A 200 9.81 5.88 -22.33
C VAL A 200 8.58 4.98 -22.19
N PRO A 201 8.76 3.78 -21.62
CA PRO A 201 7.62 2.86 -21.45
C PRO A 201 6.65 3.29 -20.35
N LYS A 202 5.36 3.00 -20.53
CA LYS A 202 4.37 3.31 -19.49
C LYS A 202 4.59 2.17 -18.49
N VAL A 203 4.86 2.49 -17.23
CA VAL A 203 5.11 1.45 -16.23
C VAL A 203 3.93 1.31 -15.26
N ASP A 204 3.87 0.19 -14.54
CA ASP A 204 2.77 0.01 -13.58
C ASP A 204 2.98 0.78 -12.27
N LYS A 205 4.24 0.95 -11.86
CA LYS A 205 4.47 1.63 -10.58
C LYS A 205 5.78 2.42 -10.63
N ILE A 206 5.76 3.59 -10.01
CA ILE A 206 6.88 4.54 -9.99
C ILE A 206 7.43 4.64 -8.58
N PHE A 207 8.77 4.57 -8.47
CA PHE A 207 9.50 4.56 -7.21
C PHE A 207 10.57 5.64 -7.08
N GLY A 208 10.84 6.06 -5.85
CA GLY A 208 11.88 7.07 -5.61
C GLY A 208 11.43 8.50 -5.38
N PRO A 209 11.97 9.17 -4.35
CA PRO A 209 11.59 10.56 -4.04
C PRO A 209 12.27 11.63 -4.88
N GLY A 210 11.72 12.85 -4.85
CA GLY A 210 12.29 13.96 -5.60
C GLY A 210 11.95 15.35 -5.03
N ASN A 211 12.10 16.38 -5.86
CA ASN A 211 11.82 17.75 -5.43
C ASN A 211 10.31 18.00 -5.38
N ALA A 212 9.91 19.27 -5.19
CA ALA A 212 8.50 19.58 -5.11
C ALA A 212 7.73 19.18 -6.34
N PHE A 213 8.26 19.50 -7.52
CA PHE A 213 7.60 19.17 -8.78
C PHE A 213 7.45 17.66 -8.95
N VAL A 214 8.46 16.90 -8.53
CA VAL A 214 8.43 15.43 -8.65
C VAL A 214 7.39 14.86 -7.71
N THR A 215 7.34 15.42 -6.51
CA THR A 215 6.37 14.99 -5.53
C THR A 215 4.95 15.31 -6.01
N GLU A 216 4.72 16.50 -6.56
CA GLU A 216 3.37 16.86 -7.02
C GLU A 216 3.00 15.95 -8.21
N ALA A 217 4.00 15.66 -9.05
CA ALA A 217 3.77 14.78 -10.21
C ALA A 217 3.37 13.38 -9.77
N LYS A 218 4.12 12.81 -8.84
CA LYS A 218 3.79 11.46 -8.36
C LYS A 218 2.40 11.46 -7.74
N ARG A 219 2.06 12.57 -7.08
CA ARG A 219 0.74 12.68 -6.47
C ARG A 219 -0.33 12.64 -7.55
N GLN A 220 -0.19 13.51 -8.54
CA GLN A 220 -1.18 13.57 -9.62
C GLN A 220 -1.36 12.29 -10.44
N VAL A 221 -0.27 11.67 -10.88
CA VAL A 221 -0.42 10.43 -11.64
C VAL A 221 -1.02 9.28 -10.83
N SER A 222 -0.78 9.27 -9.50
CA SER A 222 -1.33 8.20 -8.67
C SER A 222 -2.86 8.28 -8.62
N GLN A 223 -3.40 9.49 -8.81
CA GLN A 223 -4.86 9.68 -8.76
C GLN A 223 -5.58 9.60 -10.12
N ARG A 224 -4.83 9.68 -11.21
CA ARG A 224 -5.43 9.61 -12.56
C ARG A 224 -5.58 8.17 -13.04
N LEU A 225 -6.75 7.84 -13.60
CA LEU A 225 -6.97 6.49 -14.09
C LEU A 225 -5.97 6.16 -15.18
N ASP A 226 -5.56 7.18 -15.94
CA ASP A 226 -4.60 7.00 -17.02
C ASP A 226 -3.15 7.07 -16.54
N GLY A 227 -2.96 7.20 -15.23
CA GLY A 227 -1.62 7.27 -14.66
C GLY A 227 -0.98 5.96 -14.20
N ALA A 228 -0.25 6.02 -13.08
CA ALA A 228 0.40 4.84 -12.55
C ALA A 228 0.47 4.90 -11.03
N ALA A 229 0.64 3.75 -10.40
CA ALA A 229 0.75 3.69 -8.95
C ALA A 229 2.12 4.25 -8.55
N ILE A 230 2.23 4.72 -7.29
CA ILE A 230 3.52 5.22 -6.78
C ILE A 230 3.89 4.44 -5.50
N ASP A 231 5.16 4.50 -5.10
CA ASP A 231 5.60 3.74 -3.93
C ASP A 231 5.00 4.27 -2.63
N PRO A 233 3.48 8.25 -0.47
CA PRO A 233 3.35 9.70 -0.44
C PRO A 233 4.64 10.24 0.12
N ALA A 234 4.85 11.54 0.04
CA ALA A 234 6.08 12.15 0.52
C ALA A 234 5.86 13.30 1.49
N GLY A 235 6.94 14.00 1.81
CA GLY A 235 6.86 15.12 2.72
C GLY A 235 8.22 15.37 3.31
N PRO A 236 8.37 16.37 4.18
CA PRO A 236 9.66 16.68 4.83
C PRO A 236 10.20 15.44 5.57
N SER A 237 11.50 15.21 5.49
CA SER A 237 12.15 14.07 6.14
C SER A 237 12.34 14.34 7.62
N GLU A 238 12.59 13.28 8.41
CA GLU A 238 12.70 13.47 9.84
C GLU A 238 13.69 12.51 10.49
N VAL A 239 14.25 12.97 11.59
CA VAL A 239 15.09 12.12 12.42
C VAL A 239 14.72 12.46 13.87
N LEU A 240 14.61 11.44 14.72
CA LEU A 240 14.32 11.68 16.13
C LEU A 240 15.35 10.81 16.86
N VAL A 241 16.21 11.44 17.66
CA VAL A 241 17.19 10.68 18.44
C VAL A 241 16.79 10.67 19.90
N ILE A 242 16.81 9.48 20.52
CA ILE A 242 16.53 9.35 21.93
C ILE A 242 17.93 9.08 22.51
N ALA A 243 18.37 9.92 23.45
CA ALA A 243 19.70 9.73 24.03
C ALA A 243 19.57 9.72 25.55
N ASP A 244 20.18 8.74 26.21
CA ASP A 244 20.17 8.71 27.67
C ASP A 244 21.45 9.39 28.17
N SER A 245 21.68 9.39 29.47
CA SER A 245 22.86 10.06 30.00
C SER A 245 24.20 9.48 29.60
N GLY A 246 24.22 8.24 29.11
CA GLY A 246 25.46 7.62 28.68
C GLY A 246 25.84 7.83 27.22
N ALA A 247 25.00 8.57 26.49
CA ALA A 247 25.24 8.83 25.09
C ALA A 247 26.47 9.74 24.92
N THR A 248 27.03 9.75 23.72
CA THR A 248 28.17 10.59 23.38
C THR A 248 27.61 11.76 22.61
N PRO A 249 27.71 12.99 23.17
CA PRO A 249 27.16 14.14 22.47
C PRO A 249 27.56 14.27 21.02
N ASP A 250 28.84 14.08 20.68
CA ASP A 250 29.20 14.19 19.26
C ASP A 250 28.51 13.16 18.38
N PHE A 251 28.22 11.96 18.91
CA PHE A 251 27.55 10.95 18.11
C PHE A 251 26.11 11.39 17.87
N VAL A 252 25.47 11.91 18.91
CA VAL A 252 24.09 12.38 18.77
C VAL A 252 24.05 13.50 17.70
N ALA A 253 24.94 14.46 17.89
CA ALA A 253 25.02 15.61 16.98
C ALA A 253 25.25 15.19 15.54
N SER A 254 26.12 14.21 15.35
CA SER A 254 26.45 13.76 14.00
C SER A 254 25.23 13.23 13.26
N ASP A 255 24.31 12.59 13.98
CA ASP A 255 23.11 12.07 13.32
C ASP A 255 22.08 13.16 13.06
N LEU A 256 21.98 14.11 13.98
CA LEU A 256 21.06 15.25 13.79
C LEU A 256 21.55 16.01 12.54
N LEU A 257 22.87 16.17 12.38
CA LEU A 257 23.40 16.90 11.21
C LEU A 257 23.32 16.07 9.93
N SER A 258 23.43 14.76 10.06
CA SER A 258 23.27 13.87 8.91
C SER A 258 21.88 14.10 8.33
N GLN A 259 20.88 14.25 9.20
CA GLN A 259 19.53 14.44 8.71
C GLN A 259 19.35 15.88 8.20
N ALA A 260 19.92 16.82 8.92
CA ALA A 260 19.79 18.23 8.58
C ALA A 260 20.28 18.53 7.17
N GLU A 261 21.32 17.82 6.71
CA GLU A 261 21.84 18.11 5.36
C GLU A 261 21.01 17.48 4.24
N HIS A 262 20.01 16.70 4.62
CA HIS A 262 19.14 16.06 3.63
C HIS A 262 18.30 17.08 2.88
N GLY A 263 17.90 18.15 3.56
CA GLY A 263 17.03 19.15 2.92
C GLY A 263 16.64 20.23 3.91
N PRO A 264 16.30 21.43 3.42
CA PRO A 264 15.93 22.51 4.33
C PRO A 264 14.67 22.30 5.13
N ASP A 265 13.81 21.37 4.70
CA ASP A 265 12.57 21.12 5.42
C ASP A 265 12.69 19.95 6.39
N SER A 266 13.89 19.41 6.57
CA SER A 266 14.05 18.29 7.46
C SER A 266 13.72 18.64 8.91
N GLN A 267 13.07 17.69 9.59
CA GLN A 267 12.65 17.83 10.99
C GLN A 267 13.71 17.07 11.79
N VAL A 268 14.35 17.78 12.70
CA VAL A 268 15.45 17.23 13.51
C VAL A 268 15.08 17.38 14.99
N ILE A 269 14.91 16.22 15.65
CA ILE A 269 14.44 16.22 17.01
C ILE A 269 15.30 15.35 17.94
N LEU A 270 15.64 15.89 19.11
CA LEU A 270 16.36 15.10 20.11
C LEU A 270 15.45 15.02 21.33
N LEU A 271 15.32 13.83 21.92
CA LEU A 271 14.57 13.65 23.18
C LEU A 271 15.59 13.04 24.15
N THR A 272 15.77 13.65 25.32
CA THR A 272 16.70 13.09 26.33
C THR A 272 16.22 13.46 27.73
N PRO A 273 16.41 12.55 28.73
CA PRO A 273 15.95 12.89 30.08
C PRO A 273 16.94 13.80 30.87
N ALA A 274 18.07 14.15 30.25
CA ALA A 274 19.08 14.97 30.94
C ALA A 274 19.34 16.33 30.29
N ALA A 275 19.11 17.41 31.04
CA ALA A 275 19.35 18.74 30.47
C ALA A 275 20.82 18.88 30.09
N ASP A 276 21.72 18.28 30.86
CA ASP A 276 23.14 18.40 30.55
C ASP A 276 23.44 17.76 29.18
N ALA A 278 21.24 17.53 26.60
CA ALA A 278 20.71 18.41 25.56
C ALA A 278 21.68 19.56 25.32
N ARG A 279 22.20 20.17 26.39
CA ARG A 279 23.13 21.28 26.27
C ARG A 279 24.41 20.87 25.55
N ARG A 280 24.93 19.70 25.90
CA ARG A 280 26.15 19.24 25.28
C ARG A 280 25.93 18.90 23.80
N VAL A 281 24.75 18.38 23.47
CA VAL A 281 24.47 18.06 22.07
C VAL A 281 24.32 19.38 21.28
N ALA A 282 23.69 20.38 21.89
CA ALA A 282 23.52 21.66 21.20
C ALA A 282 24.91 22.23 20.88
N GLU A 283 25.83 22.15 21.82
CA GLU A 283 27.19 22.65 21.61
C GLU A 283 27.90 21.82 20.53
N ALA A 284 27.71 20.50 20.56
CA ALA A 284 28.34 19.66 19.56
C ALA A 284 27.80 19.99 18.16
N VAL A 285 26.50 20.16 18.06
CA VAL A 285 25.90 20.51 16.76
C VAL A 285 26.56 21.78 16.19
N GLU A 286 26.69 22.80 17.03
CA GLU A 286 27.33 24.06 16.63
C GLU A 286 28.77 23.87 16.16
N ARG A 287 29.57 23.13 16.92
CA ARG A 287 30.97 22.92 16.53
C ARG A 287 31.05 22.14 15.22
N GLN A 288 30.24 21.08 15.10
CA GLN A 288 30.31 20.24 13.91
C GLN A 288 29.82 20.97 12.66
N LEU A 289 28.79 21.79 12.84
CA LEU A 289 28.24 22.55 11.72
C LEU A 289 29.31 23.46 11.10
N ALA A 290 30.12 24.06 11.97
CA ALA A 290 31.19 24.96 11.55
C ALA A 290 32.20 24.28 10.61
N GLU A 291 32.32 22.97 10.71
CA GLU A 291 33.23 22.21 9.86
C GLU A 291 32.62 21.71 8.55
N LEU A 292 31.34 21.94 8.36
CA LEU A 292 30.67 21.48 7.14
C LEU A 292 30.81 22.49 6.01
N PRO A 293 31.36 22.07 4.89
CA PRO A 293 31.52 22.98 3.74
C PRO A 293 30.20 23.41 3.06
N ARG A 294 29.30 22.49 2.85
CA ARG A 294 28.06 22.86 2.19
C ARG A 294 27.07 22.83 3.31
N ALA A 295 27.05 23.88 4.12
CA ALA A 295 26.16 23.81 5.27
C ALA A 295 24.92 24.67 5.31
N GLU A 296 24.64 25.46 4.28
CA GLU A 296 23.43 26.29 4.34
C GLU A 296 22.16 25.46 4.49
N THR A 297 22.06 24.36 3.76
CA THR A 297 20.87 23.51 3.88
C THR A 297 20.70 23.06 5.34
N ALA A 298 21.75 22.45 5.87
CA ALA A 298 21.71 21.98 7.25
C ALA A 298 21.38 23.13 8.19
N ARG A 299 21.99 24.29 7.98
CA ARG A 299 21.71 25.44 8.85
C ARG A 299 20.22 25.78 8.88
N GLN A 300 19.62 25.75 7.69
CA GLN A 300 18.20 26.03 7.54
C GLN A 300 17.35 25.02 8.25
N ALA A 301 17.68 23.74 8.09
CA ALA A 301 16.92 22.70 8.74
C ALA A 301 17.02 22.84 10.26
N LEU A 302 18.19 23.25 10.74
CA LEU A 302 18.38 23.38 12.19
C LEU A 302 17.51 24.47 12.81
N ASN A 303 17.01 25.39 11.98
CA ASN A 303 16.14 26.46 12.48
C ASN A 303 14.88 25.87 13.10
N ALA A 304 14.44 24.74 12.57
CA ALA A 304 13.25 24.07 13.04
C ALA A 304 13.54 22.96 14.05
N SER A 305 14.80 22.79 14.43
CA SER A 305 15.12 21.68 15.34
C SER A 305 14.62 21.88 16.75
N ARG A 306 14.37 20.78 17.43
CA ARG A 306 13.91 20.84 18.80
C ARG A 306 14.75 19.87 19.62
N LEU A 307 15.39 20.41 20.65
CA LEU A 307 16.23 19.63 21.56
C LEU A 307 15.40 19.69 22.84
N ILE A 308 14.73 18.58 23.09
CA ILE A 308 13.78 18.43 24.17
C ILE A 308 14.25 17.59 25.36
N VAL A 309 14.12 18.17 26.54
CA VAL A 309 14.47 17.46 27.76
C VAL A 309 13.18 16.91 28.32
N THR A 310 13.14 15.61 28.48
CA THR A 310 11.98 14.90 29.02
C THR A 310 12.26 14.54 30.47
N LYS A 311 11.27 13.99 31.16
CA LYS A 311 11.51 13.63 32.55
C LYS A 311 12.19 12.26 32.71
N ASP A 312 11.96 11.38 31.75
CA ASP A 312 12.55 10.04 31.77
C ASP A 312 12.51 9.35 30.40
N LEU A 313 13.10 8.16 30.30
CA LEU A 313 13.07 7.44 29.03
C LEU A 313 11.66 7.05 28.60
N ALA A 314 10.79 6.74 29.57
CA ALA A 314 9.43 6.38 29.24
C ALA A 314 8.78 7.51 28.41
N GLN A 315 9.01 8.75 28.83
CA GLN A 315 8.42 9.86 28.10
C GLN A 315 9.02 10.02 26.70
N CYS A 316 10.31 9.67 26.56
CA CYS A 316 10.95 9.73 25.23
C CYS A 316 10.23 8.75 24.29
N VAL A 317 9.97 7.55 24.78
CA VAL A 317 9.27 6.55 24.00
C VAL A 317 7.83 7.00 23.68
N GLU A 318 7.14 7.56 24.68
CA GLU A 318 5.77 8.02 24.49
C GLU A 318 5.69 9.09 23.41
N ILE A 319 6.59 10.07 23.51
CA ILE A 319 6.61 11.17 22.51
C ILE A 319 6.95 10.63 21.11
N SER A 320 7.99 9.80 21.03
CA SER A 320 8.39 9.22 19.74
C SER A 320 7.23 8.41 19.13
N ASN A 321 6.56 7.60 19.95
CA ASN A 321 5.47 6.79 19.40
C ASN A 321 4.33 7.67 18.89
N GLN A 322 4.06 8.80 19.55
CA GLN A 322 3.00 9.72 19.11
C GLN A 322 3.41 10.34 17.77
N TYR A 323 4.67 10.72 17.69
CA TYR A 323 5.18 11.36 16.47
C TYR A 323 5.35 10.38 15.31
N GLY A 324 5.96 9.21 15.55
CA GLY A 324 6.16 8.25 14.48
C GLY A 324 7.23 8.77 13.50
N PRO A 325 8.46 9.01 13.99
CA PRO A 325 9.53 9.53 13.13
C PRO A 325 9.98 8.63 11.98
N GLU A 326 10.34 9.23 10.84
CA GLU A 326 10.84 8.49 9.69
C GLU A 326 12.05 7.63 10.14
N HIS A 327 13.01 8.27 10.80
CA HIS A 327 14.21 7.58 11.32
C HIS A 327 14.18 7.76 12.84
N LEU A 328 14.36 6.66 13.57
CA LEU A 328 14.39 6.72 15.03
C LEU A 328 15.77 6.17 15.39
N ILE A 329 16.55 6.96 16.13
CA ILE A 329 17.88 6.55 16.52
C ILE A 329 17.90 6.48 18.05
N ILE A 330 18.15 5.29 18.57
CA ILE A 330 18.14 5.07 20.01
C ILE A 330 19.55 4.92 20.55
N GLN A 331 20.08 6.02 21.07
CA GLN A 331 21.43 6.02 21.61
C GLN A 331 21.33 5.95 23.12
N THR A 332 20.89 4.79 23.59
CA THR A 332 20.75 4.56 25.03
C THR A 332 21.49 3.27 25.31
N ARG A 333 21.77 3.03 26.58
CA ARG A 333 22.52 1.83 26.93
C ARG A 333 21.66 0.57 26.86
N ASN A 334 20.35 0.73 26.84
CA ASN A 334 19.42 -0.41 26.76
C ASN A 334 18.58 -0.33 25.47
N ALA A 335 19.20 0.16 24.38
CA ALA A 335 18.44 0.36 23.12
C ALA A 335 17.64 -0.84 22.65
N ARG A 336 18.30 -1.99 22.59
CA ARG A 336 17.66 -3.23 22.17
C ARG A 336 16.40 -3.53 22.99
N GLU A 337 16.46 -3.29 24.30
CA GLU A 337 15.33 -3.56 25.18
C GLU A 337 14.15 -2.64 24.95
N LEU A 338 14.37 -1.49 24.30
CA LEU A 338 13.29 -0.57 24.03
C LEU A 338 12.51 -0.89 22.75
N VAL A 339 13.11 -1.66 21.85
CA VAL A 339 12.48 -1.96 20.55
C VAL A 339 11.06 -2.48 20.59
N ASP A 340 10.79 -3.43 21.49
CA ASP A 340 9.44 -3.96 21.58
C ASP A 340 8.40 -2.87 21.91
N SER A 341 8.82 -1.79 22.55
CA SER A 341 7.90 -0.71 22.92
C SER A 341 7.70 0.36 21.86
N ILE A 342 8.49 0.28 20.78
CA ILE A 342 8.36 1.28 19.71
C ILE A 342 7.20 0.79 18.82
N THR A 343 6.16 1.61 18.66
CA THR A 343 4.98 1.22 17.87
C THR A 343 4.92 1.89 16.48
N SER A 344 5.66 2.98 16.31
CA SER A 344 5.69 3.64 15.02
C SER A 344 7.00 4.34 14.71
N ALA A 345 7.62 3.95 13.60
CA ALA A 345 8.88 4.53 13.08
C ALA A 345 9.15 3.86 11.76
N GLY A 346 9.80 4.59 10.85
CA GLY A 346 10.10 4.00 9.57
C GLY A 346 11.26 3.00 9.67
N SER A 347 12.38 3.47 10.22
CA SER A 347 13.56 2.64 10.39
C SER A 347 14.18 2.98 11.76
N VAL A 348 14.58 1.96 12.53
CA VAL A 348 15.15 2.18 13.85
C VAL A 348 16.65 1.80 13.89
N PHE A 349 17.45 2.63 14.55
CA PHE A 349 18.89 2.45 14.63
C PHE A 349 19.21 2.30 16.09
N LEU A 350 19.91 1.23 16.41
CA LEU A 350 20.18 0.93 17.82
C LEU A 350 21.61 1.07 18.32
N GLY A 351 21.75 1.76 19.44
CA GLY A 351 23.07 1.89 20.05
C GLY A 351 23.95 2.98 19.52
N ASP A 352 25.18 3.01 20.01
CA ASP A 352 26.09 4.07 19.59
C ASP A 352 26.79 3.88 18.27
N TRP A 353 26.77 2.68 17.72
CA TRP A 353 27.53 2.40 16.52
C TRP A 353 26.66 2.16 15.29
N SER A 354 25.43 2.68 15.32
CA SER A 354 24.51 2.53 14.20
C SER A 354 24.09 3.91 13.70
N PRO A 355 25.04 4.63 13.08
CA PRO A 355 24.73 5.96 12.56
C PRO A 355 23.70 5.84 11.43
N GLU A 356 22.96 6.93 11.22
CA GLU A 356 21.97 6.97 10.16
C GLU A 356 22.65 6.62 8.84
N SER A 357 23.90 7.08 8.69
CA SER A 357 24.71 6.83 7.50
C SER A 357 24.85 5.35 7.16
N ALA A 358 24.92 4.51 8.19
CA ALA A 358 25.04 3.08 7.97
C ALA A 358 23.80 2.54 7.25
N GLY A 359 22.61 2.98 7.68
CA GLY A 359 21.40 2.53 7.01
C GLY A 359 21.19 3.19 5.64
N ASP A 360 21.60 4.44 5.52
CA ASP A 360 21.45 5.16 4.27
C ASP A 360 22.30 4.57 3.18
N TYR A 361 23.39 3.88 3.54
CA TYR A 361 24.30 3.37 2.51
C TYR A 361 24.62 1.90 2.42
N ALA A 362 24.81 1.23 3.54
CA ALA A 362 25.29 -0.15 3.38
C ALA A 362 24.95 -1.26 4.35
N SER A 363 24.19 -0.97 5.39
CA SER A 363 23.85 -2.02 6.34
C SER A 363 22.98 -3.08 5.65
N GLY A 364 22.16 -2.65 4.70
CA GLY A 364 21.29 -3.59 4.00
C GLY A 364 19.82 -3.19 4.07
N THR A 365 19.47 -2.38 5.05
CA THR A 365 18.07 -1.91 5.17
C THR A 365 17.78 -0.91 4.03
N ASN A 366 16.50 -0.61 3.78
CA ASN A 366 16.20 0.33 2.68
C ASN A 366 16.12 1.76 3.19
N HIS A 367 16.70 2.72 2.46
CA HIS A 367 16.65 4.09 2.93
C HIS A 367 15.46 4.92 2.43
N VAL A 368 14.57 4.27 1.66
CA VAL A 368 13.36 4.90 1.15
C VAL A 368 12.30 4.55 2.20
N LEU A 369 11.92 5.58 2.94
CA LEU A 369 11.05 5.45 4.10
C LEU A 369 9.90 6.42 4.17
N PRO A 370 8.82 6.03 4.86
CA PRO A 370 7.67 6.91 5.00
C PRO A 370 8.00 8.05 5.95
N THR A 371 7.47 9.23 5.69
CA THR A 371 7.73 10.34 6.58
C THR A 371 6.51 11.24 6.61
N TYR A 372 6.69 12.40 7.22
CA TYR A 372 5.63 13.41 7.30
C TYR A 372 4.36 12.88 7.96
N GLY A 373 4.53 11.87 8.81
CA GLY A 373 3.39 11.28 9.49
C GLY A 373 2.83 10.03 8.85
N TYR A 374 3.32 9.69 7.66
CA TYR A 374 2.80 8.52 6.96
C TYR A 374 3.19 7.18 7.60
N THR A 375 4.04 7.25 8.62
CA THR A 375 4.44 6.06 9.37
C THR A 375 3.20 5.49 10.09
N ALA A 376 2.12 6.26 10.12
CA ALA A 376 0.91 5.76 10.77
C ALA A 376 0.41 4.50 10.06
N THR A 377 0.53 4.45 8.74
CA THR A 377 0.05 3.25 8.06
C THR A 377 0.97 2.70 6.98
N CYS A 378 2.01 3.44 6.61
CA CYS A 378 2.90 2.99 5.55
C CYS A 378 4.14 2.37 6.14
N SER A 379 4.78 1.55 5.33
CA SER A 379 6.01 0.87 5.72
C SER A 379 7.23 1.34 4.93
N SER A 380 8.39 0.97 5.46
CA SER A 380 9.65 1.21 4.77
C SER A 380 9.49 0.52 3.41
N LEU A 381 10.18 1.04 2.40
CA LEU A 381 10.14 0.39 1.10
C LEU A 381 10.81 -0.96 1.37
N GLY A 382 10.34 -2.01 0.70
CA GLY A 382 10.89 -3.34 0.87
C GLY A 382 10.47 -4.18 -0.35
N LEU A 383 10.76 -5.47 -0.29
CA LEU A 383 10.41 -6.35 -1.39
C LEU A 383 8.90 -6.29 -1.72
N ALA A 384 8.08 -6.30 -0.67
CA ALA A 384 6.63 -6.28 -0.83
C ALA A 384 6.12 -5.18 -1.79
N ASP A 385 6.80 -4.04 -1.84
CA ASP A 385 6.37 -2.94 -2.69
C ASP A 385 6.57 -3.19 -4.18
N PHE A 386 7.28 -4.25 -4.50
CA PHE A 386 7.53 -4.59 -5.89
C PHE A 386 6.76 -5.83 -6.30
N GLN A 387 5.83 -6.23 -5.45
CA GLN A 387 5.02 -7.42 -5.74
C GLN A 387 3.59 -7.31 -5.22
N LYS A 388 2.79 -8.34 -5.50
CA LYS A 388 1.38 -8.36 -5.10
C LYS A 388 1.05 -9.74 -4.55
N ARG A 389 0.11 -9.80 -3.60
CA ARG A 389 -0.35 -11.06 -3.01
C ARG A 389 -1.62 -11.46 -3.77
N THR A 391 -4.68 -14.41 -4.08
CA THR A 391 -5.34 -15.48 -3.33
C THR A 391 -5.82 -16.57 -4.29
N VAL A 392 -5.70 -17.82 -3.88
CA VAL A 392 -6.14 -18.93 -4.72
C VAL A 392 -6.91 -19.92 -3.83
N GLN A 393 -8.04 -20.45 -4.30
CA GLN A 393 -8.71 -21.44 -3.49
C GLN A 393 -9.27 -22.56 -4.34
N GLU A 394 -9.31 -23.75 -3.76
CA GLU A 394 -9.86 -24.92 -4.44
C GLU A 394 -10.60 -25.77 -3.42
N LEU A 395 -11.91 -25.94 -3.64
CA LEU A 395 -12.73 -26.75 -2.75
C LEU A 395 -12.98 -28.09 -3.46
N SER A 396 -12.75 -29.18 -2.75
CA SER A 396 -13.03 -30.50 -3.33
C SER A 396 -14.55 -30.72 -3.18
N LYS A 397 -15.07 -31.78 -3.80
CA LYS A 397 -16.48 -32.09 -3.64
C LYS A 397 -16.83 -32.16 -2.16
N GLU A 398 -15.98 -32.82 -1.39
CA GLU A 398 -16.24 -32.98 0.02
C GLU A 398 -16.19 -31.65 0.77
N GLY A 399 -15.18 -30.83 0.46
CA GLY A 399 -15.04 -29.54 1.11
C GLY A 399 -16.24 -28.66 0.79
N PHE A 400 -16.58 -28.58 -0.50
CA PHE A 400 -17.71 -27.79 -0.90
C PHE A 400 -18.98 -28.33 -0.23
N SER A 401 -19.19 -29.64 -0.30
CA SER A 401 -20.39 -30.20 0.33
C SER A 401 -20.54 -29.86 1.81
N ALA A 402 -19.42 -29.85 2.53
CA ALA A 402 -19.47 -29.55 3.95
C ALA A 402 -19.76 -28.08 4.25
N LEU A 403 -19.41 -27.22 3.31
CA LEU A 403 -19.59 -25.80 3.52
C LEU A 403 -20.83 -25.23 2.82
N ALA A 404 -21.44 -26.02 1.97
CA ALA A 404 -22.59 -25.54 1.17
C ALA A 404 -23.73 -24.89 1.97
N SER A 405 -24.19 -25.56 3.01
CA SER A 405 -25.30 -24.98 3.79
C SER A 405 -24.93 -23.64 4.41
N THR A 406 -23.70 -23.56 4.91
CA THR A 406 -23.23 -22.31 5.51
C THR A 406 -23.26 -21.19 4.47
N ILE A 407 -22.78 -21.48 3.27
CA ILE A 407 -22.77 -20.47 2.21
C ILE A 407 -24.20 -20.08 1.82
N GLU A 408 -25.07 -21.07 1.63
CA GLU A 408 -26.46 -20.79 1.29
C GLU A 408 -27.14 -19.90 2.34
N THR A 409 -26.91 -20.20 3.61
CA THR A 409 -27.49 -19.42 4.68
C THR A 409 -27.01 -17.96 4.62
N LEU A 410 -25.70 -17.77 4.49
CA LEU A 410 -25.17 -16.40 4.43
C LEU A 410 -25.67 -15.63 3.20
N ALA A 411 -25.65 -16.27 2.03
CA ALA A 411 -26.09 -15.58 0.82
C ALA A 411 -27.56 -15.20 0.92
N ALA A 412 -28.37 -16.10 1.47
CA ALA A 412 -29.80 -15.85 1.59
C ALA A 412 -30.09 -14.67 2.54
N ALA A 413 -29.30 -14.58 3.60
CA ALA A 413 -29.45 -13.50 4.60
C ALA A 413 -29.07 -12.16 3.96
N GLU A 414 -28.13 -12.20 3.01
CA GLU A 414 -27.73 -10.97 2.30
C GLU A 414 -28.64 -10.74 1.10
N ARG A 415 -29.59 -11.68 0.88
CA ARG A 415 -30.53 -11.62 -0.23
C ARG A 415 -29.84 -11.59 -1.58
N LEU A 416 -28.71 -12.28 -1.69
CA LEU A 416 -28.00 -12.31 -2.96
C LEU A 416 -28.36 -13.68 -3.56
N THR A 417 -29.46 -13.69 -4.30
CA THR A 417 -29.99 -14.93 -4.85
C THR A 417 -29.11 -15.66 -5.83
N ALA A 418 -28.46 -14.93 -6.71
CA ALA A 418 -27.58 -15.60 -7.67
C ALA A 418 -26.43 -16.28 -6.94
N HIS A 419 -25.93 -15.66 -5.88
CA HIS A 419 -24.84 -16.27 -5.09
C HIS A 419 -25.33 -17.55 -4.46
N LYS A 420 -26.57 -17.51 -3.99
CA LYS A 420 -27.15 -18.66 -3.35
C LYS A 420 -27.40 -19.77 -4.39
N ASN A 421 -27.91 -19.40 -5.57
CA ASN A 421 -28.21 -20.39 -6.59
C ASN A 421 -26.94 -21.08 -7.14
N ALA A 422 -25.80 -20.40 -7.09
CA ALA A 422 -24.55 -20.99 -7.57
C ALA A 422 -24.24 -22.18 -6.67
N VAL A 423 -24.62 -22.08 -5.42
CA VAL A 423 -24.38 -23.20 -4.50
C VAL A 423 -25.41 -24.34 -4.73
N THR A 424 -26.68 -23.97 -4.85
CA THR A 424 -27.74 -24.97 -5.02
C THR A 424 -27.54 -25.81 -6.25
N LEU A 425 -27.16 -25.17 -7.35
CA LEU A 425 -26.91 -25.91 -8.59
C LEU A 425 -25.86 -26.99 -8.36
N ARG A 426 -24.79 -26.66 -7.62
CA ARG A 426 -23.74 -27.62 -7.38
C ARG A 426 -24.17 -28.71 -6.44
N VAL A 427 -24.85 -28.33 -5.36
CA VAL A 427 -25.34 -29.32 -4.40
C VAL A 427 -26.24 -30.34 -5.13
N ASN A 428 -27.10 -29.86 -6.03
CA ASN A 428 -28.01 -30.76 -6.74
C ASN A 428 -27.27 -31.67 -7.73
N ALA A 429 -26.24 -31.16 -8.38
CA ALA A 429 -25.46 -31.98 -9.32
C ALA A 429 -24.75 -33.09 -8.53
N LEU A 430 -24.21 -32.74 -7.37
CA LEU A 430 -23.52 -33.73 -6.53
C LEU A 430 -24.50 -34.79 -6.04
N LYS A 431 -25.73 -34.39 -5.71
CA LYS A 431 -26.74 -35.37 -5.26
C LYS A 431 -27.06 -36.35 -6.41
N GLU A 432 -27.14 -35.84 -7.62
CA GLU A 432 -27.43 -36.69 -8.79
C GLU A 432 -26.33 -37.70 -9.07
N GLN A 433 -25.09 -37.32 -8.78
CA GLN A 433 -23.93 -38.17 -9.05
C GLN A 433 -23.53 -39.05 -7.89
N ALA A 434 -24.20 -38.89 -6.75
CA ALA A 434 -23.84 -39.65 -5.56
C ALA A 434 -24.15 -41.15 -5.63
N ASN B 4 -23.70 -8.53 -28.30
CA ASN B 4 -25.02 -9.10 -27.91
C ASN B 4 -24.90 -10.60 -27.66
N THR B 5 -24.08 -11.25 -28.50
CA THR B 5 -23.82 -12.64 -28.16
C THR B 5 -22.34 -13.12 -28.20
N ILE B 6 -22.07 -14.21 -28.89
CA ILE B 6 -20.72 -14.75 -28.87
C ILE B 6 -19.65 -14.07 -29.73
N ILE B 7 -18.59 -13.62 -29.08
CA ILE B 7 -17.48 -12.99 -29.79
C ILE B 7 -16.40 -14.01 -30.12
N ASP B 8 -16.02 -14.09 -31.40
CA ASP B 8 -14.94 -14.98 -31.77
C ASP B 8 -13.68 -14.10 -31.74
N TRP B 9 -12.85 -14.31 -30.72
CA TRP B 9 -11.64 -13.51 -30.56
C TRP B 9 -10.76 -13.33 -31.80
N ASN B 10 -10.42 -14.45 -32.44
CA ASN B 10 -9.51 -14.37 -33.55
C ASN B 10 -10.08 -13.79 -34.83
N SER B 11 -11.40 -13.64 -34.88
CA SER B 11 -12.07 -12.98 -36.00
C SER B 11 -12.04 -11.46 -35.82
N CYS B 12 -11.86 -11.00 -34.58
CA CYS B 12 -11.82 -9.55 -34.28
C CYS B 12 -10.59 -8.85 -34.81
N THR B 13 -10.67 -7.54 -35.00
CA THR B 13 -9.47 -6.78 -35.42
C THR B 13 -8.60 -6.56 -34.14
N ALA B 14 -7.34 -6.22 -34.32
CA ALA B 14 -6.44 -5.96 -33.18
C ALA B 14 -7.04 -4.83 -32.32
N GLU B 15 -7.58 -3.81 -32.97
CA GLU B 15 -8.18 -2.70 -32.23
C GLU B 15 -9.39 -3.16 -31.37
N GLN B 16 -10.25 -3.98 -31.95
CA GLN B 16 -11.42 -4.50 -31.23
C GLN B 16 -10.94 -5.33 -30.05
N GLN B 17 -9.87 -6.10 -30.24
CA GLN B 17 -9.33 -6.94 -29.15
C GLN B 17 -8.88 -6.04 -27.99
N ARG B 18 -8.15 -4.97 -28.30
CA ARG B 18 -7.72 -4.05 -27.24
C ARG B 18 -8.95 -3.43 -26.55
N GLN B 19 -9.96 -3.07 -27.32
CA GLN B 19 -11.18 -2.48 -26.75
C GLN B 19 -11.94 -3.44 -25.86
N LEU B 20 -11.96 -4.72 -26.23
CA LEU B 20 -12.66 -5.71 -25.43
C LEU B 20 -12.08 -5.86 -24.03
N LEU B 21 -10.82 -5.49 -23.87
CA LEU B 21 -10.18 -5.59 -22.56
C LEU B 21 -10.09 -4.27 -21.80
N ARG B 23 -11.55 -0.89 -19.70
CA ARG B 23 -12.56 -0.71 -18.67
C ARG B 23 -13.25 0.64 -18.89
N PRO B 24 -14.58 0.67 -18.78
CA PRO B 24 -15.25 1.98 -18.97
C PRO B 24 -14.69 2.95 -17.96
N ALA B 25 -14.43 4.18 -18.39
CA ALA B 25 -13.84 5.15 -17.48
C ALA B 25 -14.81 6.24 -17.08
N ILE B 26 -15.06 6.38 -15.77
CA ILE B 26 -15.95 7.43 -15.29
C ILE B 26 -15.46 7.98 -13.94
N SER B 27 -15.25 9.29 -13.90
CA SER B 27 -14.78 9.94 -12.68
C SER B 27 -15.72 11.07 -12.26
N ALA B 28 -15.62 11.35 -12.06
CA ALA B 28 -16.57 11.85 -11.00
C ALA B 28 -17.16 13.29 -11.28
N SER B 29 -18.33 13.34 -10.84
CA SER B 29 -18.92 14.64 -11.17
C SER B 29 -18.41 15.73 -10.24
N GLU B 30 -18.33 16.95 -10.78
CA GLU B 30 -17.86 18.08 -10.00
C GLU B 30 -18.86 18.30 -8.87
N SER B 31 -20.11 18.01 -9.18
CA SER B 31 -21.21 18.15 -8.24
C SER B 31 -20.94 17.32 -6.98
N ILE B 32 -20.69 16.03 -7.17
CA ILE B 32 -20.43 15.14 -6.05
C ILE B 32 -19.17 15.55 -5.29
N THR B 33 -18.11 15.91 -6.01
CA THR B 33 -16.87 16.31 -5.37
C THR B 33 -17.11 17.49 -4.44
N ARG B 34 -17.89 18.47 -4.89
CA ARG B 34 -18.21 19.67 -4.09
C ARG B 34 -19.01 19.34 -2.85
N THR B 35 -20.08 18.59 -3.06
CA THR B 35 -20.98 18.17 -1.99
C THR B 35 -20.19 17.46 -0.90
N VAL B 36 -19.32 16.55 -1.33
CA VAL B 36 -18.51 15.74 -0.40
C VAL B 36 -17.46 16.59 0.32
N ASN B 37 -16.83 17.49 -0.42
CA ASN B 37 -15.84 18.33 0.23
C ASN B 37 -16.51 19.15 1.34
N ASP B 38 -17.72 19.65 1.09
CA ASP B 38 -18.43 20.43 2.09
C ASP B 38 -18.80 19.58 3.30
N ILE B 39 -19.23 18.35 3.07
CA ILE B 39 -19.56 17.46 4.17
C ILE B 39 -18.30 17.20 5.02
N LEU B 40 -17.19 16.88 4.38
CA LEU B 40 -15.94 16.61 5.11
C LEU B 40 -15.54 17.87 5.92
N ASP B 41 -15.57 19.05 5.30
CA ASP B 41 -15.16 20.24 6.06
C ASP B 41 -16.07 20.51 7.24
N ASN B 42 -17.38 20.33 7.04
CA ASN B 42 -18.36 20.58 8.09
C ASN B 42 -18.19 19.59 9.24
N VAL B 43 -17.98 18.32 8.92
CA VAL B 43 -17.79 17.36 10.00
C VAL B 43 -16.53 17.63 10.82
N LYS B 44 -15.43 17.97 10.15
CA LYS B 44 -14.23 18.23 10.91
C LYS B 44 -14.40 19.49 11.76
N ALA B 45 -15.10 20.48 11.22
CA ALA B 45 -15.27 21.74 11.96
C ALA B 45 -16.28 21.72 13.09
N ARG B 46 -17.40 21.03 12.87
CA ARG B 46 -18.52 21.03 13.80
C ARG B 46 -18.93 19.70 14.45
N GLY B 47 -18.16 18.66 14.19
CA GLY B 47 -18.38 17.38 14.86
C GLY B 47 -19.77 16.79 14.97
N ASP B 48 -20.12 16.33 16.18
CA ASP B 48 -21.41 15.66 16.38
C ASP B 48 -22.60 16.50 15.97
N GLU B 49 -22.47 17.81 16.17
CA GLU B 49 -23.54 18.73 15.80
C GLU B 49 -23.83 18.63 14.30
N ALA B 50 -22.77 18.60 13.49
CA ALA B 50 -22.91 18.47 12.04
C ALA B 50 -23.52 17.11 11.69
N LEU B 51 -23.04 16.04 12.35
CA LEU B 51 -23.59 14.70 12.07
C LEU B 51 -25.12 14.66 12.33
N ARG B 52 -25.55 15.26 13.44
CA ARG B 52 -26.99 15.26 13.75
C ARG B 52 -27.77 16.11 12.76
N GLU B 53 -27.18 17.18 12.28
CA GLU B 53 -27.86 18.02 11.31
C GLU B 53 -28.03 17.20 10.02
N TYR B 54 -26.99 16.49 9.61
CA TYR B 54 -27.11 15.66 8.43
C TYR B 54 -28.24 14.64 8.64
N SER B 55 -28.21 13.94 9.77
CA SER B 55 -29.25 12.95 10.07
C SER B 55 -30.66 13.54 10.00
N ALA B 56 -30.83 14.73 10.57
CA ALA B 56 -32.14 15.38 10.58
C ALA B 56 -32.68 15.58 9.17
N LYS B 57 -31.80 15.93 8.25
CA LYS B 57 -32.20 16.18 6.88
C LYS B 57 -32.57 14.91 6.11
N PHE B 58 -31.88 13.80 6.41
CA PHE B 58 -32.15 12.56 5.70
C PHE B 58 -33.03 11.51 6.38
N ASP B 59 -32.74 11.18 7.64
CA ASP B 59 -33.53 10.16 8.33
C ASP B 59 -34.93 10.63 8.74
N LYS B 60 -35.84 9.68 8.88
CA LYS B 60 -37.20 10.00 9.29
C LYS B 60 -37.12 10.48 10.73
N THR B 61 -36.30 9.78 11.53
CA THR B 61 -36.11 10.15 12.92
C THR B 61 -34.64 10.47 13.16
N THR B 62 -34.38 11.74 13.50
CA THR B 62 -33.03 12.19 13.76
C THR B 62 -32.30 11.31 14.74
N VAL B 63 -31.03 11.06 14.45
CA VAL B 63 -30.23 10.23 15.33
C VAL B 63 -30.10 10.89 16.70
N THR B 64 -30.05 10.08 17.76
CA THR B 64 -29.86 10.55 19.12
C THR B 64 -28.49 10.05 19.56
N ALA B 65 -28.43 8.86 20.13
CA ALA B 65 -27.12 8.32 20.53
C ALA B 65 -26.37 7.90 19.26
N LEU B 66 -25.18 8.45 19.09
CA LEU B 66 -24.36 8.12 17.93
C LEU B 66 -23.78 6.75 18.13
N LYS B 67 -23.51 6.38 19.37
CA LYS B 67 -22.96 5.06 19.64
C LYS B 67 -24.05 4.04 19.96
N VAL B 68 -23.95 2.87 19.35
CA VAL B 68 -24.93 1.81 19.60
C VAL B 68 -24.60 1.21 20.94
N SER B 69 -25.62 1.00 21.76
CA SER B 69 -25.40 0.46 23.09
C SER B 69 -25.28 -1.03 23.09
N ALA B 70 -24.69 -1.55 24.17
CA ALA B 70 -24.54 -2.98 24.40
C ALA B 70 -25.95 -3.61 24.43
N GLU B 71 -26.91 -2.92 25.05
CA GLU B 71 -28.28 -3.44 25.11
C GLU B 71 -28.86 -3.63 23.72
N GLU B 72 -28.72 -2.62 22.85
CA GLU B 72 -29.25 -2.71 21.50
C GLU B 72 -28.60 -3.83 20.76
N ILE B 73 -27.30 -4.01 20.96
CA ILE B 73 -26.55 -5.10 20.32
C ILE B 73 -27.07 -6.46 20.82
N ALA B 74 -27.32 -6.53 22.11
CA ALA B 74 -27.81 -7.76 22.72
C ALA B 74 -29.21 -8.12 22.18
N ALA B 75 -30.10 -7.13 22.11
CA ALA B 75 -31.45 -7.39 21.61
C ALA B 75 -31.41 -7.86 20.17
N ALA B 76 -30.50 -7.28 19.39
CA ALA B 76 -30.36 -7.64 17.98
C ALA B 76 -29.87 -9.10 17.88
N SER B 77 -28.90 -9.47 18.69
CA SER B 77 -28.38 -10.83 18.65
C SER B 77 -29.45 -11.86 18.98
N GLU B 78 -30.31 -11.53 19.95
CA GLU B 78 -31.38 -12.43 20.38
C GLU B 78 -32.41 -12.71 19.27
N ARG B 79 -32.59 -11.75 18.36
CA ARG B 79 -33.56 -11.94 17.29
C ARG B 79 -33.08 -12.84 16.15
N LEU B 80 -31.76 -12.96 15.99
CA LEU B 80 -31.21 -13.79 14.90
C LEU B 80 -31.38 -15.27 15.16
N SER B 81 -31.48 -16.04 14.08
CA SER B 81 -31.66 -17.49 14.21
C SER B 81 -30.36 -18.18 14.57
N ASP B 82 -30.47 -19.35 15.20
CA ASP B 82 -29.27 -20.10 15.53
C ASP B 82 -28.55 -20.47 14.24
N GLU B 83 -29.35 -20.77 13.20
CA GLU B 83 -28.80 -21.18 11.91
C GLU B 83 -27.87 -20.09 11.39
N LEU B 84 -28.36 -18.86 11.36
CA LEU B 84 -27.54 -17.75 10.88
C LEU B 84 -26.31 -17.53 11.77
N LYS B 85 -26.48 -17.59 13.09
CA LYS B 85 -25.32 -17.39 13.96
C LYS B 85 -24.26 -18.45 13.76
N GLN B 86 -24.69 -19.69 13.59
CA GLN B 86 -23.78 -20.81 13.36
C GLN B 86 -23.04 -20.66 12.03
N ALA B 87 -23.74 -20.18 11.00
CA ALA B 87 -23.12 -19.97 9.69
C ALA B 87 -22.05 -18.89 9.78
N ALA B 89 -20.32 -18.15 12.43
CA ALA B 89 -19.22 -18.73 13.21
C ALA B 89 -18.31 -19.57 12.31
N VAL B 90 -18.89 -20.36 11.43
CA VAL B 90 -18.08 -21.17 10.53
C VAL B 90 -17.21 -20.24 9.63
N ALA B 91 -17.85 -19.21 9.08
CA ALA B 91 -17.15 -18.26 8.23
C ALA B 91 -16.00 -17.57 8.96
N VAL B 92 -16.26 -17.02 10.14
CA VAL B 92 -15.22 -16.34 10.88
C VAL B 92 -14.07 -17.30 11.22
N LYS B 93 -14.41 -18.54 11.54
CA LYS B 93 -13.35 -19.48 11.86
C LYS B 93 -12.42 -19.67 10.66
N ASN B 94 -13.00 -19.82 9.47
CA ASN B 94 -12.18 -20.03 8.28
C ASN B 94 -11.39 -18.77 7.90
N ILE B 95 -12.03 -17.61 7.99
CA ILE B 95 -11.33 -16.37 7.70
C ILE B 95 -10.16 -16.20 8.68
N GLU B 96 -10.41 -16.51 9.95
CA GLU B 96 -9.36 -16.41 10.96
C GLU B 96 -8.21 -17.38 10.63
N THR B 97 -8.50 -18.60 10.24
CA THR B 97 -7.44 -19.55 9.93
C THR B 97 -6.56 -19.09 8.77
N PHE B 98 -7.19 -18.69 7.67
CA PHE B 98 -6.41 -18.26 6.51
C PHE B 98 -5.63 -16.98 6.81
N HIS B 99 -6.22 -16.02 7.51
CA HIS B 99 -5.49 -14.77 7.74
C HIS B 99 -4.37 -14.92 8.76
N THR B 100 -4.57 -15.79 9.74
CA THR B 100 -3.52 -16.05 10.75
C THR B 100 -2.32 -16.68 10.07
N ALA B 101 -2.57 -17.50 9.05
CA ALA B 101 -1.51 -18.14 8.28
C ALA B 101 -0.70 -17.12 7.46
N GLN B 102 -1.17 -15.87 7.39
CA GLN B 102 -0.45 -14.84 6.64
C GLN B 102 0.57 -14.09 7.50
N LYS B 103 0.67 -14.44 8.77
CA LYS B 103 1.64 -13.74 9.63
C LYS B 103 3.03 -13.88 9.02
N LEU B 104 3.78 -12.77 8.97
CA LEU B 104 5.12 -12.80 8.41
C LEU B 104 6.10 -13.40 9.43
N PRO B 105 6.91 -14.38 9.00
CA PRO B 105 7.86 -14.97 9.96
C PRO B 105 8.90 -13.89 10.28
N PRO B 106 9.68 -14.09 11.34
CA PRO B 106 10.67 -13.08 11.69
C PRO B 106 11.73 -12.89 10.61
N VAL B 107 12.15 -11.65 10.39
CA VAL B 107 13.21 -11.38 9.44
C VAL B 107 14.29 -10.80 10.35
N ASP B 108 15.38 -11.56 10.51
CA ASP B 108 16.46 -11.18 11.41
C ASP B 108 17.74 -11.79 10.85
N VAL B 109 18.59 -10.96 10.25
CA VAL B 109 19.80 -11.47 9.64
C VAL B 109 21.02 -10.55 9.83
N GLU B 110 22.20 -11.15 9.91
CA GLU B 110 23.42 -10.36 9.98
C GLU B 110 23.91 -10.35 8.54
N THR B 111 23.75 -9.19 7.89
CA THR B 111 24.14 -9.04 6.49
C THR B 111 25.64 -9.31 6.43
N GLN B 112 26.34 -8.93 7.48
CA GLN B 112 27.74 -9.28 7.62
C GLN B 112 27.92 -9.36 9.14
N PRO B 113 28.95 -10.07 9.61
CA PRO B 113 29.11 -10.18 11.06
C PRO B 113 29.03 -8.86 11.79
N GLY B 114 28.17 -8.81 12.80
CA GLY B 114 28.01 -7.62 13.60
C GLY B 114 27.08 -6.56 13.01
N VAL B 115 26.44 -6.87 11.89
CA VAL B 115 25.52 -5.92 11.25
C VAL B 115 24.15 -6.59 11.21
N ARG B 116 23.39 -6.43 12.28
CA ARG B 116 22.08 -7.09 12.39
C ARG B 116 20.92 -6.25 11.91
N CYS B 117 20.24 -6.75 10.88
CA CYS B 117 19.09 -6.08 10.29
C CYS B 117 17.83 -6.91 10.47
N GLN B 118 16.76 -6.25 10.88
CA GLN B 118 15.50 -6.95 11.07
C GLN B 118 14.35 -6.20 10.43
N GLN B 119 13.26 -6.93 10.21
CA GLN B 119 12.04 -6.36 9.71
C GLN B 119 11.03 -6.93 10.67
N VAL B 120 10.32 -6.06 11.38
CA VAL B 120 9.31 -6.53 12.30
C VAL B 120 8.00 -5.89 11.90
N THR B 121 6.91 -6.42 12.43
CA THR B 121 5.62 -5.86 12.10
C THR B 121 4.99 -5.16 13.29
N ARG B 122 4.22 -4.13 13.01
CA ARG B 122 3.49 -3.41 14.04
C ARG B 122 2.10 -3.16 13.46
N PRO B 123 1.07 -3.21 14.30
CA PRO B 123 -0.28 -2.98 13.76
C PRO B 123 -0.57 -1.53 13.45
N VAL B 124 -1.56 -1.31 12.59
CA VAL B 124 -2.04 0.03 12.36
C VAL B 124 -2.86 0.20 13.64
N ALA B 125 -2.58 1.30 14.37
CA ALA B 125 -3.18 1.51 15.67
C ALA B 125 -4.68 1.60 15.78
N SER B 126 -5.31 2.33 14.87
CA SER B 126 -6.76 2.45 14.91
C SER B 126 -7.31 2.30 13.48
N VAL B 127 -8.37 1.54 13.34
CA VAL B 127 -8.99 1.36 12.03
C VAL B 127 -10.47 1.49 12.13
N GLY B 128 -11.06 2.02 11.07
CA GLY B 128 -12.50 2.20 11.03
C GLY B 128 -13.04 1.40 9.87
N LEU B 129 -14.22 0.84 10.07
CA LEU B 129 -14.83 0.00 9.03
C LEU B 129 -16.16 0.63 8.63
N TYR B 130 -16.42 0.69 7.33
CA TYR B 130 -17.69 1.23 6.87
C TYR B 130 -18.52 0.12 6.22
N ILE B 131 -19.79 0.02 6.62
CA ILE B 131 -20.72 -0.99 6.08
C ILE B 131 -21.99 -0.25 5.62
N PRO B 132 -22.36 -0.40 4.34
CA PRO B 132 -23.57 0.28 3.83
C PRO B 132 -24.83 -0.24 4.51
N GLY B 133 -25.94 0.48 4.36
CA GLY B 133 -27.19 0.02 4.92
C GLY B 133 -28.03 -0.56 3.80
N GLY B 134 -29.29 -0.16 3.71
CA GLY B 134 -30.15 -0.66 2.65
C GLY B 134 -31.05 -1.77 3.12
N SER B 135 -31.92 -2.25 2.23
CA SER B 135 -32.86 -3.29 2.57
C SER B 135 -32.16 -4.61 2.95
N ALA B 136 -31.10 -4.92 2.23
CA ALA B 136 -30.37 -6.15 2.45
C ALA B 136 -29.12 -5.90 3.29
N PRO B 137 -28.96 -6.61 4.40
CA PRO B 137 -27.80 -6.43 5.27
C PRO B 137 -26.50 -7.12 4.77
N LEU B 138 -25.52 -6.34 4.30
CA LEU B 138 -24.25 -6.88 3.79
C LEU B 138 -23.25 -7.08 4.93
N PHE B 139 -23.67 -7.87 5.90
CA PHE B 139 -22.87 -8.13 7.08
C PHE B 139 -21.61 -8.94 6.86
N SER B 140 -21.53 -9.67 5.76
CA SER B 140 -20.33 -10.48 5.54
C SER B 140 -19.06 -9.62 5.50
N THR B 141 -19.16 -8.42 4.99
CA THR B 141 -17.99 -7.56 4.95
C THR B 141 -17.43 -7.29 6.36
N VAL B 142 -18.31 -7.29 7.37
CA VAL B 142 -17.85 -7.09 8.74
C VAL B 142 -16.87 -8.20 9.10
N LEU B 143 -17.25 -9.44 8.78
CA LEU B 143 -16.38 -10.58 9.08
C LEU B 143 -15.05 -10.48 8.33
N LEU B 145 -13.41 -7.77 7.41
CA LEU B 145 -12.60 -6.64 7.88
C LEU B 145 -12.21 -6.72 9.34
N ALA B 146 -13.19 -7.01 10.18
CA ALA B 146 -12.90 -7.03 11.61
C ALA B 146 -12.03 -8.21 12.00
N THR B 147 -12.10 -9.31 11.25
CA THR B 147 -11.27 -10.46 11.65
C THR B 147 -9.77 -10.21 11.48
N PRO B 148 -9.31 -9.74 10.30
CA PRO B 148 -7.87 -9.50 10.21
C PRO B 148 -7.43 -8.36 11.14
N ALA B 149 -8.32 -7.40 11.39
CA ALA B 149 -7.97 -6.29 12.28
C ALA B 149 -7.64 -6.87 13.67
N SER B 150 -8.46 -7.80 14.13
CA SER B 150 -8.23 -8.45 15.43
C SER B 150 -6.91 -9.23 15.43
N ILE B 151 -6.70 -10.01 14.38
CA ILE B 151 -5.47 -10.80 14.30
C ILE B 151 -4.22 -9.91 14.31
N ALA B 152 -4.29 -8.77 13.65
CA ALA B 152 -3.16 -7.85 13.55
C ALA B 152 -2.88 -7.16 14.87
N GLY B 153 -3.86 -7.19 15.77
CA GLY B 153 -3.69 -6.53 17.06
C GLY B 153 -3.96 -5.03 17.01
N CYS B 154 -4.81 -4.59 16.08
CA CYS B 154 -5.17 -3.17 16.02
C CYS B 154 -5.78 -2.78 17.37
N LYS B 155 -5.29 -1.70 17.98
CA LYS B 155 -5.79 -1.28 19.30
C LYS B 155 -7.22 -0.78 19.31
N LYS B 156 -7.62 -0.06 18.27
CA LYS B 156 -8.98 0.44 18.22
C LYS B 156 -9.60 -0.02 16.92
N VAL B 157 -10.77 -0.63 17.00
CA VAL B 157 -11.48 -1.08 15.80
C VAL B 157 -12.91 -0.58 15.95
N VAL B 158 -13.32 0.32 15.08
CA VAL B 158 -14.70 0.81 15.17
C VAL B 158 -15.39 0.69 13.81
N LEU B 159 -16.71 0.76 13.83
CA LEU B 159 -17.51 0.62 12.63
C LEU B 159 -18.66 1.62 12.54
N CYS B 160 -18.91 2.12 11.33
CA CYS B 160 -20.02 3.04 11.07
C CYS B 160 -20.92 2.41 10.01
N SER B 161 -22.22 2.61 10.16
CA SER B 161 -23.17 2.11 9.19
C SER B 161 -24.44 2.97 9.32
N PRO B 162 -25.12 3.30 8.20
CA PRO B 162 -26.34 4.14 8.24
C PRO B 162 -27.43 3.57 9.16
N PRO B 163 -27.97 4.39 10.09
CA PRO B 163 -29.02 3.90 11.00
C PRO B 163 -30.35 3.84 10.27
N PRO B 164 -31.24 2.92 10.70
CA PRO B 164 -31.04 1.96 11.80
C PRO B 164 -30.18 0.81 11.24
N ILE B 165 -29.19 0.39 12.02
CA ILE B 165 -28.28 -0.68 11.60
C ILE B 165 -28.88 -2.06 11.86
N ALA B 166 -29.01 -2.85 10.78
CA ALA B 166 -29.60 -4.19 10.84
C ALA B 166 -29.00 -5.09 11.90
N ASP B 167 -29.85 -5.94 12.47
CA ASP B 167 -29.41 -6.86 13.50
C ASP B 167 -28.22 -7.70 13.06
N GLU B 168 -28.20 -8.10 11.79
CA GLU B 168 -27.11 -8.94 11.29
C GLU B 168 -25.77 -8.22 11.37
N ILE B 169 -25.77 -6.93 11.05
CA ILE B 169 -24.52 -6.16 11.12
C ILE B 169 -24.06 -6.03 12.57
N LEU B 170 -24.98 -5.75 13.48
CA LEU B 170 -24.66 -5.62 14.89
C LEU B 170 -24.11 -6.92 15.47
N TYR B 171 -24.71 -8.04 15.10
CA TYR B 171 -24.23 -9.31 15.59
C TYR B 171 -22.83 -9.63 15.04
N ALA B 172 -22.62 -9.39 13.75
CA ALA B 172 -21.31 -9.65 13.12
C ALA B 172 -20.23 -8.81 13.80
N ALA B 173 -20.55 -7.56 14.10
CA ALA B 173 -19.59 -6.68 14.77
C ALA B 173 -19.18 -7.22 16.14
N GLN B 174 -20.16 -7.63 16.92
CA GLN B 174 -19.93 -8.14 18.26
C GLN B 174 -19.14 -9.46 18.18
N LEU B 175 -19.53 -10.30 17.25
CA LEU B 175 -18.87 -11.59 17.05
C LEU B 175 -17.37 -11.41 16.77
N CYS B 176 -17.03 -10.38 16.00
CA CYS B 176 -15.64 -10.11 15.62
C CYS B 176 -14.87 -9.15 16.53
N GLY B 177 -15.48 -8.78 17.64
CA GLY B 177 -14.79 -7.91 18.56
C GLY B 177 -14.76 -6.42 18.25
N VAL B 178 -15.61 -5.94 17.35
CA VAL B 178 -15.63 -4.51 17.05
C VAL B 178 -16.02 -3.82 18.35
N GLN B 179 -15.24 -2.83 18.76
CA GLN B 179 -15.47 -2.14 20.03
C GLN B 179 -16.66 -1.19 20.07
N ASP B 180 -16.70 -0.31 19.07
CA ASP B 180 -17.74 0.70 18.96
C ASP B 180 -18.37 0.69 17.59
N VAL B 181 -19.69 0.81 17.58
CA VAL B 181 -20.46 0.84 16.35
C VAL B 181 -21.23 2.16 16.38
N PHE B 182 -21.13 2.93 15.31
CA PHE B 182 -21.79 4.22 15.26
C PHE B 182 -22.87 4.37 14.22
N ASN B 183 -23.96 5.04 14.63
CA ASN B 183 -25.10 5.32 13.76
C ASN B 183 -24.82 6.48 12.81
N VAL B 184 -23.95 6.28 11.83
CA VAL B 184 -23.61 7.34 10.91
C VAL B 184 -23.33 6.69 9.58
N GLY B 185 -23.83 7.28 8.51
CA GLY B 185 -23.61 6.68 7.20
C GLY B 185 -23.04 7.68 6.20
N GLY B 186 -22.84 7.19 4.98
CA GLY B 186 -22.36 8.01 3.88
C GLY B 186 -21.06 8.74 4.05
N ALA B 187 -20.94 9.83 3.31
CA ALA B 187 -19.75 10.67 3.36
C ALA B 187 -19.51 11.19 4.78
N GLN B 188 -20.59 11.48 5.54
CA GLN B 188 -20.43 11.97 6.90
C GLN B 188 -19.69 10.94 7.76
N ALA B 189 -20.00 9.65 7.56
CA ALA B 189 -19.34 8.60 8.34
C ALA B 189 -17.85 8.57 8.02
N ILE B 190 -17.52 8.64 6.72
CA ILE B 190 -16.13 8.62 6.31
C ILE B 190 -15.40 9.79 6.93
N ALA B 191 -16.02 10.97 6.88
CA ALA B 191 -15.40 12.14 7.51
C ALA B 191 -15.28 11.94 9.03
N ALA B 192 -16.29 11.38 9.69
CA ALA B 192 -16.21 11.21 11.15
C ALA B 192 -15.05 10.29 11.52
N LEU B 193 -14.85 9.23 10.74
CA LEU B 193 -13.74 8.32 11.01
C LEU B 193 -12.39 8.96 10.66
N ALA B 194 -12.32 9.71 9.56
CA ALA B 194 -11.06 10.30 9.14
C ALA B 194 -10.58 11.43 10.05
N PHE B 195 -11.53 12.18 10.57
CA PHE B 195 -11.19 13.36 11.39
C PHE B 195 -11.39 13.21 12.87
N GLY B 196 -12.39 12.41 13.22
CA GLY B 196 -12.79 12.19 14.60
C GLY B 196 -13.80 13.28 14.95
N THR B 197 -14.72 12.97 15.87
CA THR B 197 -15.68 13.97 16.36
C THR B 197 -15.70 13.76 17.88
N GLU B 198 -16.59 14.44 18.60
CA GLU B 198 -16.64 14.23 20.04
C GLU B 198 -16.92 12.76 20.39
N SER B 199 -17.76 12.11 19.59
CA SER B 199 -18.15 10.71 19.81
C SER B 199 -17.35 9.69 19.00
N VAL B 200 -17.00 10.02 17.77
CA VAL B 200 -16.28 9.11 16.89
C VAL B 200 -14.78 9.28 16.92
N PRO B 201 -14.03 8.20 17.20
CA PRO B 201 -12.58 8.37 17.24
C PRO B 201 -11.97 8.55 15.86
N LYS B 202 -10.90 9.34 15.80
CA LYS B 202 -10.20 9.54 14.53
C LYS B 202 -9.38 8.26 14.33
N VAL B 203 -9.55 7.63 13.18
CA VAL B 203 -8.78 6.41 12.90
C VAL B 203 -7.68 6.65 11.88
N ASP B 204 -6.68 5.77 11.88
CA ASP B 204 -5.57 5.90 10.96
C ASP B 204 -5.92 5.39 9.55
N LYS B 205 -6.79 4.40 9.46
CA LYS B 205 -7.08 3.84 8.15
C LYS B 205 -8.52 3.37 8.08
N ILE B 206 -9.15 3.59 6.92
CA ILE B 206 -10.56 3.26 6.74
C ILE B 206 -10.73 2.15 5.70
N PHE B 207 -11.56 1.16 6.05
CA PHE B 207 -11.80 -0.01 5.21
C PHE B 207 -13.29 -0.18 4.85
N GLY B 208 -13.54 -0.78 3.68
CA GLY B 208 -14.90 -1.08 3.26
C GLY B 208 -15.41 -0.23 2.13
N PRO B 209 -16.02 -0.84 1.11
CA PRO B 209 -16.53 -0.06 -0.03
C PRO B 209 -17.91 0.52 0.23
N GLY B 210 -18.35 1.43 -0.65
CA GLY B 210 -19.65 2.04 -0.46
C GLY B 210 -20.14 2.67 -1.76
N ASN B 211 -21.18 3.49 -1.68
CA ASN B 211 -21.76 4.15 -2.86
C ASN B 211 -20.88 5.28 -3.39
N ALA B 212 -21.39 6.02 -4.37
CA ALA B 212 -20.58 7.08 -4.99
C ALA B 212 -20.06 8.12 -3.98
N PHE B 213 -20.90 8.48 -3.02
CA PHE B 213 -20.50 9.49 -2.04
C PHE B 213 -19.45 8.95 -1.08
N VAL B 214 -19.64 7.72 -0.63
CA VAL B 214 -18.70 7.08 0.28
C VAL B 214 -17.34 6.92 -0.42
N THR B 215 -17.38 6.49 -1.68
CA THR B 215 -16.18 6.32 -2.47
C THR B 215 -15.44 7.65 -2.65
N GLU B 216 -16.18 8.71 -2.95
CA GLU B 216 -15.56 10.02 -3.15
C GLU B 216 -15.00 10.54 -1.82
N ALA B 217 -15.71 10.26 -0.73
CA ALA B 217 -15.24 10.71 0.58
C ALA B 217 -13.95 9.97 0.94
N LYS B 218 -13.88 8.68 0.62
CA LYS B 218 -12.66 7.94 0.92
C LYS B 218 -11.53 8.48 0.07
N ARG B 219 -11.83 8.79 -1.20
CA ARG B 219 -10.77 9.31 -2.06
C ARG B 219 -10.25 10.63 -1.44
N GLN B 220 -11.17 11.53 -1.12
CA GLN B 220 -10.76 12.81 -0.55
C GLN B 220 -9.97 12.70 0.76
N VAL B 221 -10.44 11.88 1.69
CA VAL B 221 -9.69 11.82 2.95
C VAL B 221 -8.31 11.19 2.77
N SER B 222 -8.18 10.31 1.79
CA SER B 222 -6.90 9.64 1.56
C SER B 222 -5.87 10.64 1.00
N GLN B 223 -6.34 11.71 0.35
CA GLN B 223 -5.43 12.72 -0.21
C GLN B 223 -5.19 13.95 0.67
N ARG B 224 -5.92 14.07 1.77
CA ARG B 224 -5.75 15.19 2.70
C ARG B 224 -4.76 14.81 3.79
N LEU B 225 -3.79 15.68 4.11
CA LEU B 225 -2.82 15.37 5.16
C LEU B 225 -3.53 15.18 6.52
N ASP B 226 -4.65 15.89 6.73
CA ASP B 226 -5.40 15.76 7.97
C ASP B 226 -6.46 14.66 7.86
N GLY B 227 -6.41 13.85 6.80
CA GLY B 227 -7.39 12.80 6.64
C GLY B 227 -6.95 11.45 7.19
N ALA B 228 -7.20 10.39 6.44
CA ALA B 228 -6.80 9.03 6.86
C ALA B 228 -6.51 8.18 5.62
N ALA B 229 -5.75 7.12 5.80
CA ALA B 229 -5.44 6.22 4.67
C ALA B 229 -6.69 5.37 4.42
N ILE B 230 -6.79 4.77 3.22
CA ILE B 230 -7.91 3.89 2.92
C ILE B 230 -7.37 2.55 2.44
N ASP B 231 -8.23 1.52 2.50
CA ASP B 231 -7.82 0.18 2.11
C ASP B 231 -7.38 0.10 0.64
N PRO B 233 -8.27 1.90 -3.67
CA PRO B 233 -9.10 2.70 -4.58
C PRO B 233 -10.25 1.81 -5.01
N ALA B 234 -11.34 2.41 -5.47
CA ALA B 234 -12.50 1.64 -5.83
C ALA B 234 -12.75 1.62 -7.33
N GLY B 235 -13.75 0.85 -7.72
CA GLY B 235 -14.10 0.78 -9.12
C GLY B 235 -15.04 -0.37 -9.34
N PRO B 236 -15.61 -0.51 -10.55
CA PRO B 236 -16.54 -1.58 -10.90
C PRO B 236 -15.90 -2.97 -10.65
N SER B 237 -16.68 -3.89 -10.10
CA SER B 237 -16.17 -5.25 -9.86
C SER B 237 -16.13 -6.06 -11.14
N GLU B 238 -15.41 -7.19 -11.09
CA GLU B 238 -15.21 -7.97 -12.29
C GLU B 238 -15.11 -9.45 -12.03
N VAL B 239 -15.56 -10.23 -13.00
CA VAL B 239 -15.31 -11.67 -12.94
C VAL B 239 -14.92 -12.13 -14.34
N LEU B 240 -13.92 -13.01 -14.43
CA LEU B 240 -13.51 -13.58 -15.70
C LEU B 240 -13.47 -15.09 -15.45
N VAL B 241 -14.24 -15.83 -16.23
CA VAL B 241 -14.25 -17.29 -16.09
C VAL B 241 -13.56 -17.86 -17.33
N ILE B 242 -12.64 -18.81 -17.13
CA ILE B 242 -11.99 -19.54 -18.23
C ILE B 242 -12.66 -20.91 -18.12
N ALA B 243 -13.31 -21.37 -19.20
CA ALA B 243 -13.99 -22.67 -19.14
C ALA B 243 -13.61 -23.49 -20.35
N ASP B 244 -13.29 -24.78 -20.15
CA ASP B 244 -12.98 -25.65 -21.31
C ASP B 244 -14.16 -26.55 -21.65
N SER B 245 -13.95 -27.50 -22.58
CA SER B 245 -15.06 -28.37 -23.02
C SER B 245 -15.66 -29.25 -21.92
N GLY B 246 -14.94 -29.43 -20.83
CA GLY B 246 -15.46 -30.28 -19.75
C GLY B 246 -16.30 -29.55 -18.70
N ALA B 247 -16.41 -28.23 -18.84
CA ALA B 247 -17.18 -27.40 -17.90
C ALA B 247 -18.68 -27.64 -17.98
N THR B 248 -19.40 -27.28 -16.92
CA THR B 248 -20.85 -27.44 -16.88
C THR B 248 -21.45 -26.04 -17.11
N PRO B 249 -22.15 -25.83 -18.25
CA PRO B 249 -22.74 -24.54 -18.58
C PRO B 249 -23.46 -23.86 -17.42
N ASP B 250 -24.30 -24.60 -16.67
CA ASP B 250 -24.99 -23.97 -15.55
C ASP B 250 -24.07 -23.46 -14.48
N PHE B 251 -22.96 -24.15 -14.24
CA PHE B 251 -22.02 -23.68 -13.20
C PHE B 251 -21.35 -22.38 -13.68
N VAL B 252 -20.88 -22.37 -14.92
CA VAL B 252 -20.25 -21.15 -15.47
C VAL B 252 -21.25 -20.00 -15.37
N ALA B 253 -22.46 -20.23 -15.86
CA ALA B 253 -23.48 -19.19 -15.85
C ALA B 253 -23.77 -18.70 -14.42
N SER B 254 -23.81 -19.61 -13.46
CA SER B 254 -24.08 -19.22 -12.09
C SER B 254 -23.05 -18.23 -11.52
N ASP B 255 -21.78 -18.41 -11.89
CA ASP B 255 -20.73 -17.51 -11.43
C ASP B 255 -20.77 -16.18 -12.17
N LEU B 256 -21.12 -16.21 -13.45
CA LEU B 256 -21.25 -14.94 -14.20
C LEU B 256 -22.39 -14.16 -13.57
N LEU B 257 -23.50 -14.84 -13.24
CA LEU B 257 -24.63 -14.11 -12.64
C LEU B 257 -24.35 -13.69 -11.20
N SER B 258 -23.56 -14.46 -10.46
CA SER B 258 -23.22 -14.07 -9.08
C SER B 258 -22.54 -12.70 -9.11
N GLN B 259 -21.63 -12.52 -10.06
CA GLN B 259 -20.94 -11.24 -10.19
C GLN B 259 -21.90 -10.16 -10.71
N ALA B 260 -22.67 -10.50 -11.74
CA ALA B 260 -23.61 -9.55 -12.32
C ALA B 260 -24.55 -8.92 -11.30
N GLU B 261 -24.97 -9.68 -10.28
CA GLU B 261 -25.88 -9.10 -9.30
C GLU B 261 -25.19 -8.15 -8.29
N HIS B 262 -23.86 -8.06 -8.33
CA HIS B 262 -23.11 -7.19 -7.42
C HIS B 262 -23.38 -5.70 -7.72
N GLY B 263 -23.56 -5.39 -8.99
CA GLY B 263 -23.77 -3.99 -9.34
C GLY B 263 -23.97 -3.84 -10.82
N PRO B 264 -24.62 -2.75 -11.22
CA PRO B 264 -24.88 -2.51 -12.65
C PRO B 264 -23.65 -2.26 -13.49
N ASP B 265 -22.56 -1.89 -12.85
CA ASP B 265 -21.31 -1.65 -13.56
C ASP B 265 -20.37 -2.86 -13.52
N SER B 266 -20.83 -4.01 -13.03
CA SER B 266 -19.94 -5.18 -12.95
C SER B 266 -19.55 -5.67 -14.35
N GLN B 267 -18.30 -6.09 -14.50
CA GLN B 267 -17.74 -6.57 -15.77
C GLN B 267 -17.76 -8.08 -15.66
N VAL B 268 -18.38 -8.74 -16.64
CA VAL B 268 -18.56 -10.18 -16.63
C VAL B 268 -18.00 -10.70 -17.93
N ILE B 269 -16.98 -11.56 -17.84
CA ILE B 269 -16.30 -12.08 -19.02
C ILE B 269 -16.13 -13.59 -18.98
N LEU B 270 -16.39 -14.24 -20.12
CA LEU B 270 -16.12 -15.67 -20.25
C LEU B 270 -15.08 -15.83 -21.35
N LEU B 271 -14.07 -16.66 -21.11
CA LEU B 271 -13.12 -17.00 -22.17
C LEU B 271 -13.22 -18.52 -22.29
N THR B 272 -13.44 -19.02 -23.51
CA THR B 272 -13.49 -20.48 -23.71
C THR B 272 -13.01 -20.84 -25.13
N PRO B 273 -12.28 -21.95 -25.27
CA PRO B 273 -11.80 -22.38 -26.60
C PRO B 273 -12.92 -22.99 -27.42
N ALA B 274 -14.09 -23.19 -26.81
CA ALA B 274 -15.22 -23.85 -27.50
C ALA B 274 -16.44 -22.99 -27.79
N ALA B 275 -16.75 -22.78 -29.06
CA ALA B 275 -17.92 -21.94 -29.36
C ALA B 275 -19.20 -22.59 -28.82
N ASP B 276 -19.21 -23.93 -28.79
CA ASP B 276 -20.36 -24.68 -28.30
C ASP B 276 -20.55 -24.35 -26.80
N ALA B 278 -19.53 -21.62 -25.32
CA ALA B 278 -19.99 -20.23 -25.18
C ALA B 278 -21.50 -20.14 -25.42
N ARG B 279 -22.00 -20.86 -26.42
CA ARG B 279 -23.42 -20.83 -26.72
C ARG B 279 -24.24 -21.42 -25.58
N ARG B 280 -23.81 -22.58 -25.06
CA ARG B 280 -24.52 -23.22 -23.95
C ARG B 280 -24.51 -22.32 -22.71
N VAL B 281 -23.42 -21.60 -22.49
CA VAL B 281 -23.34 -20.71 -21.31
C VAL B 281 -24.28 -19.54 -21.51
N ALA B 282 -24.28 -18.97 -22.71
CA ALA B 282 -25.18 -17.85 -22.98
C ALA B 282 -26.62 -18.26 -22.71
N GLU B 283 -27.00 -19.47 -23.14
CA GLU B 283 -28.39 -19.88 -22.91
C GLU B 283 -28.68 -20.07 -21.43
N ALA B 284 -27.75 -20.72 -20.73
CA ALA B 284 -27.91 -20.95 -19.31
C ALA B 284 -28.01 -19.62 -18.55
N VAL B 285 -27.25 -18.61 -18.98
CA VAL B 285 -27.31 -17.32 -18.31
C VAL B 285 -28.73 -16.75 -18.45
N GLU B 286 -29.30 -16.85 -19.64
CA GLU B 286 -30.63 -16.33 -19.87
C GLU B 286 -31.68 -17.08 -19.05
N ARG B 287 -31.58 -18.40 -19.00
CA ARG B 287 -32.56 -19.17 -18.23
C ARG B 287 -32.45 -18.90 -16.74
N GLN B 288 -31.23 -18.77 -16.23
CA GLN B 288 -31.07 -18.55 -14.81
C GLN B 288 -31.50 -17.16 -14.42
N LEU B 289 -31.19 -16.21 -15.30
CA LEU B 289 -31.56 -14.82 -15.02
C LEU B 289 -33.07 -14.69 -14.79
N ALA B 290 -33.83 -15.47 -15.56
CA ALA B 290 -35.31 -15.43 -15.50
C ALA B 290 -35.87 -15.84 -14.16
N GLU B 291 -35.10 -16.65 -13.42
CA GLU B 291 -35.50 -17.11 -12.10
C GLU B 291 -35.06 -16.20 -10.99
N LEU B 292 -34.38 -15.10 -11.31
CA LEU B 292 -33.91 -14.20 -10.25
C LEU B 292 -34.97 -13.18 -9.89
N PRO B 293 -35.33 -13.12 -8.59
CA PRO B 293 -36.32 -12.24 -7.97
C PRO B 293 -36.16 -10.77 -8.29
N ARG B 294 -34.92 -10.30 -8.21
CA ARG B 294 -34.67 -8.89 -8.46
C ARG B 294 -33.49 -8.93 -9.41
N ALA B 295 -33.82 -9.11 -10.68
CA ALA B 295 -32.82 -9.27 -11.73
C ALA B 295 -32.41 -8.00 -12.46
N GLU B 296 -32.99 -6.87 -12.11
CA GLU B 296 -32.66 -5.66 -12.86
C GLU B 296 -31.20 -5.28 -12.86
N THR B 297 -30.55 -5.36 -11.70
CA THR B 297 -29.12 -5.04 -11.64
C THR B 297 -28.30 -6.03 -12.49
N ALA B 298 -28.57 -7.33 -12.35
CA ALA B 298 -27.83 -8.34 -13.10
C ALA B 298 -28.02 -8.16 -14.62
N ARG B 299 -29.26 -7.93 -15.03
CA ARG B 299 -29.58 -7.72 -16.43
C ARG B 299 -28.73 -6.56 -16.97
N GLN B 300 -28.68 -5.47 -16.22
CA GLN B 300 -27.90 -4.31 -16.62
C GLN B 300 -26.42 -4.65 -16.81
N ALA B 301 -25.82 -5.35 -15.84
CA ALA B 301 -24.41 -5.72 -15.94
C ALA B 301 -24.20 -6.63 -17.15
N LEU B 302 -25.14 -7.53 -17.40
CA LEU B 302 -24.99 -8.43 -18.53
C LEU B 302 -24.93 -7.77 -19.91
N ASN B 303 -25.45 -6.54 -20.03
CA ASN B 303 -25.38 -5.88 -21.33
C ASN B 303 -23.95 -5.57 -21.69
N ALA B 304 -23.07 -5.51 -20.67
CA ALA B 304 -21.67 -5.24 -20.96
C ALA B 304 -20.84 -6.52 -20.93
N SER B 305 -21.50 -7.66 -20.76
CA SER B 305 -20.76 -8.92 -20.69
C SER B 305 -20.10 -9.28 -22.03
N ARG B 306 -19.02 -10.04 -21.95
CA ARG B 306 -18.32 -10.49 -23.15
C ARG B 306 -18.08 -11.97 -23.03
N LEU B 307 -18.70 -12.74 -23.92
CA LEU B 307 -18.54 -14.20 -23.93
C LEU B 307 -17.64 -14.40 -25.14
N ILE B 308 -16.37 -14.72 -24.88
CA ILE B 308 -15.35 -14.82 -25.92
C ILE B 308 -14.84 -16.21 -26.21
N VAL B 309 -14.83 -16.56 -27.49
CA VAL B 309 -14.31 -17.83 -27.93
C VAL B 309 -12.86 -17.64 -28.36
N THR B 310 -11.95 -18.43 -27.82
CA THR B 310 -10.54 -18.33 -28.18
C THR B 310 -10.07 -19.56 -28.97
N LYS B 311 -8.78 -19.56 -29.31
CA LYS B 311 -8.21 -20.67 -30.05
C LYS B 311 -7.93 -21.86 -29.12
N ASP B 312 -7.45 -21.55 -27.93
CA ASP B 312 -7.07 -22.59 -26.96
C ASP B 312 -6.91 -22.05 -25.56
N LEU B 313 -6.60 -22.90 -24.58
CA LEU B 313 -6.46 -22.39 -23.23
C LEU B 313 -5.26 -21.45 -23.04
N ALA B 314 -4.17 -21.67 -23.78
CA ALA B 314 -3.02 -20.80 -23.66
C ALA B 314 -3.43 -19.37 -24.04
N GLN B 315 -4.27 -19.24 -25.05
CA GLN B 315 -4.74 -17.88 -25.42
C GLN B 315 -5.66 -17.30 -24.32
N CYS B 316 -6.47 -18.15 -23.68
CA CYS B 316 -7.33 -17.69 -22.60
C CYS B 316 -6.43 -17.07 -21.50
N VAL B 317 -5.32 -17.74 -21.16
CA VAL B 317 -4.41 -17.26 -20.14
C VAL B 317 -3.77 -15.91 -20.57
N GLU B 318 -3.38 -15.80 -21.84
CA GLU B 318 -2.77 -14.56 -22.33
C GLU B 318 -3.75 -13.39 -22.16
N ILE B 319 -5.01 -13.62 -22.52
CA ILE B 319 -6.03 -12.56 -22.42
C ILE B 319 -6.29 -12.20 -20.98
N SER B 320 -6.51 -13.20 -20.13
CA SER B 320 -6.76 -12.90 -18.72
C SER B 320 -5.59 -12.12 -18.09
N ASN B 321 -4.34 -12.52 -18.39
CA ASN B 321 -3.18 -11.84 -17.81
C ASN B 321 -3.13 -10.38 -18.25
N GLN B 322 -3.51 -10.11 -19.48
CA GLN B 322 -3.52 -8.75 -19.98
C GLN B 322 -4.59 -7.96 -19.22
N TYR B 323 -5.72 -8.60 -18.97
CA TYR B 323 -6.81 -7.94 -18.25
C TYR B 323 -6.57 -7.79 -16.74
N GLY B 324 -6.15 -8.88 -16.08
CA GLY B 324 -5.93 -8.87 -14.62
C GLY B 324 -7.26 -8.74 -13.88
N PRO B 325 -8.15 -9.72 -14.03
CA PRO B 325 -9.48 -9.67 -13.39
C PRO B 325 -9.48 -9.71 -11.86
N GLU B 326 -10.43 -8.99 -11.26
CA GLU B 326 -10.61 -9.01 -9.81
C GLU B 326 -10.78 -10.45 -9.34
N HIS B 327 -11.74 -11.15 -9.94
CA HIS B 327 -11.99 -12.57 -9.65
C HIS B 327 -11.72 -13.37 -10.92
N LEU B 328 -10.95 -14.43 -10.80
CA LEU B 328 -10.64 -15.30 -11.92
C LEU B 328 -11.15 -16.69 -11.52
N ILE B 329 -12.02 -17.24 -12.35
CA ILE B 329 -12.58 -18.54 -12.10
C ILE B 329 -12.13 -19.50 -13.20
N ILE B 330 -11.45 -20.58 -12.82
CA ILE B 330 -10.90 -21.53 -13.80
C ILE B 330 -11.61 -22.88 -13.72
N GLN B 331 -12.53 -23.08 -14.66
CA GLN B 331 -13.30 -24.31 -14.74
C GLN B 331 -12.76 -25.08 -15.95
N THR B 332 -11.55 -25.62 -15.76
CA THR B 332 -10.91 -26.39 -16.83
C THR B 332 -10.37 -27.66 -16.17
N ARG B 333 -10.00 -28.61 -17.01
CA ARG B 333 -9.51 -29.90 -16.52
C ARG B 333 -8.29 -29.75 -15.64
N ASN B 334 -7.29 -29.04 -16.12
CA ASN B 334 -6.09 -28.92 -15.32
C ASN B 334 -5.99 -27.51 -14.74
N ALA B 335 -7.06 -27.06 -14.09
CA ALA B 335 -7.09 -25.71 -13.53
C ALA B 335 -5.89 -25.39 -12.63
N ARG B 336 -5.52 -26.29 -11.73
CA ARG B 336 -4.40 -25.97 -10.86
C ARG B 336 -3.10 -25.72 -11.61
N GLU B 337 -2.85 -26.51 -12.66
CA GLU B 337 -1.62 -26.31 -13.43
C GLU B 337 -1.58 -24.92 -14.10
N LEU B 338 -2.74 -24.35 -14.41
CA LEU B 338 -2.74 -23.02 -15.06
C LEU B 338 -2.34 -21.87 -14.15
N VAL B 339 -2.47 -22.07 -12.83
CA VAL B 339 -2.17 -21.00 -11.88
C VAL B 339 -0.76 -20.44 -11.96
N ASP B 340 0.22 -21.30 -12.19
CA ASP B 340 1.58 -20.84 -12.27
C ASP B 340 1.76 -19.84 -13.40
N SER B 341 0.93 -19.94 -14.44
CA SER B 341 1.05 -19.03 -15.59
C SER B 341 0.20 -17.77 -15.46
N ILE B 342 -0.62 -17.70 -14.42
CA ILE B 342 -1.46 -16.52 -14.17
C ILE B 342 -0.58 -15.49 -13.50
N THR B 343 -0.45 -14.31 -14.10
CA THR B 343 0.40 -13.28 -13.52
C THR B 343 -0.34 -12.14 -12.85
N SER B 344 -1.64 -12.04 -13.12
CA SER B 344 -2.43 -10.98 -12.52
C SER B 344 -3.90 -11.35 -12.33
N ALA B 345 -4.36 -11.23 -11.09
CA ALA B 345 -5.76 -11.53 -10.73
C ALA B 345 -5.88 -11.31 -9.21
N GLY B 346 -7.04 -10.84 -8.75
CA GLY B 346 -7.21 -10.60 -7.32
C GLY B 346 -7.34 -11.90 -6.52
N SER B 347 -8.32 -12.71 -6.91
CA SER B 347 -8.58 -13.99 -6.22
C SER B 347 -8.95 -15.03 -7.30
N VAL B 348 -8.37 -16.22 -7.16
CA VAL B 348 -8.53 -17.28 -8.16
C VAL B 348 -9.30 -18.45 -7.55
N PHE B 349 -10.24 -18.97 -8.33
CA PHE B 349 -11.13 -20.05 -7.89
C PHE B 349 -10.90 -21.20 -8.85
N LEU B 350 -10.62 -22.38 -8.30
CA LEU B 350 -10.30 -23.52 -9.15
C LEU B 350 -11.29 -24.68 -9.18
N GLY B 351 -11.64 -25.12 -10.39
CA GLY B 351 -12.51 -26.26 -10.52
C GLY B 351 -14.00 -26.02 -10.38
N ASP B 352 -14.76 -27.09 -10.53
CA ASP B 352 -16.21 -26.98 -10.51
C ASP B 352 -16.84 -26.69 -9.15
N TRP B 353 -16.14 -26.97 -8.05
CA TRP B 353 -16.77 -26.83 -6.75
C TRP B 353 -16.29 -25.65 -5.96
N SER B 354 -15.74 -24.66 -6.68
CA SER B 354 -15.21 -23.44 -6.06
C SER B 354 -15.97 -22.22 -6.58
N PRO B 355 -17.28 -22.13 -6.28
CA PRO B 355 -18.04 -20.97 -6.75
C PRO B 355 -17.53 -19.68 -6.12
N GLU B 356 -17.77 -18.57 -6.82
CA GLU B 356 -17.37 -17.28 -6.28
C GLU B 356 -17.98 -17.13 -4.86
N SER B 357 -19.23 -17.58 -4.69
CA SER B 357 -19.91 -17.48 -3.37
C SER B 357 -19.10 -18.10 -2.23
N ALA B 358 -18.40 -19.19 -2.51
CA ALA B 358 -17.58 -19.81 -1.45
C ALA B 358 -16.55 -18.82 -0.90
N GLY B 359 -15.87 -18.10 -1.80
CA GLY B 359 -14.87 -17.12 -1.38
C GLY B 359 -15.51 -15.86 -0.81
N ASP B 360 -16.71 -15.51 -1.31
CA ASP B 360 -17.36 -14.31 -0.83
C ASP B 360 -17.84 -14.47 0.57
N TYR B 361 -18.09 -15.71 0.98
CA TYR B 361 -18.65 -15.96 2.28
C TYR B 361 -17.94 -16.76 3.33
N ALA B 362 -17.33 -17.89 2.95
CA ALA B 362 -16.81 -18.75 4.01
C ALA B 362 -15.60 -19.65 3.79
N SER B 363 -14.99 -19.67 2.62
CA SER B 363 -13.82 -20.53 2.48
C SER B 363 -12.68 -20.04 3.38
N GLY B 364 -12.62 -18.73 3.61
CA GLY B 364 -11.56 -18.15 4.44
C GLY B 364 -10.80 -17.02 3.76
N THR B 365 -10.86 -16.96 2.43
CA THR B 365 -10.18 -15.91 1.69
C THR B 365 -10.92 -14.59 1.89
N ASN B 366 -10.25 -13.48 1.60
CA ASN B 366 -10.93 -12.20 1.79
C ASN B 366 -11.69 -11.77 0.54
N HIS B 367 -12.90 -11.26 0.71
CA HIS B 367 -13.63 -10.84 -0.47
C HIS B 367 -13.42 -9.38 -0.84
N VAL B 368 -12.61 -8.65 -0.07
CA VAL B 368 -12.32 -7.25 -0.41
C VAL B 368 -11.11 -7.32 -1.32
N LEU B 369 -11.34 -7.04 -2.60
CA LEU B 369 -10.29 -7.25 -3.61
C LEU B 369 -10.06 -6.09 -4.55
N PRO B 370 -8.86 -6.03 -5.15
CA PRO B 370 -8.58 -4.94 -6.10
C PRO B 370 -9.33 -5.16 -7.41
N THR B 371 -9.82 -4.08 -7.99
CA THR B 371 -10.51 -4.25 -9.26
C THR B 371 -10.24 -3.00 -10.10
N TYR B 372 -10.91 -2.91 -11.25
CA TYR B 372 -10.80 -1.77 -12.13
C TYR B 372 -9.37 -1.56 -12.60
N GLY B 373 -8.62 -2.66 -12.73
CA GLY B 373 -7.24 -2.61 -13.17
C GLY B 373 -6.22 -2.46 -12.06
N TYR B 374 -6.66 -2.24 -10.83
CA TYR B 374 -5.71 -2.06 -9.72
C TYR B 374 -4.96 -3.35 -9.36
N THR B 375 -5.38 -4.47 -9.95
CA THR B 375 -4.70 -5.75 -9.74
C THR B 375 -3.28 -5.64 -10.31
N ALA B 376 -3.01 -4.58 -11.06
CA ALA B 376 -1.67 -4.41 -11.62
C ALA B 376 -0.65 -4.27 -10.48
N THR B 377 -1.03 -3.59 -9.39
CA THR B 377 -0.05 -3.46 -8.33
C THR B 377 -0.60 -3.72 -6.93
N CYS B 378 -1.93 -3.79 -6.80
CA CYS B 378 -2.56 -3.99 -5.49
C CYS B 378 -2.89 -5.46 -5.21
N SER B 379 -2.97 -5.78 -3.94
CA SER B 379 -3.28 -7.16 -3.52
C SER B 379 -4.63 -7.25 -2.88
N SER B 380 -5.11 -8.48 -2.82
CA SER B 380 -6.32 -8.80 -2.12
C SER B 380 -6.10 -8.21 -0.71
N LEU B 381 -7.16 -7.77 -0.06
CA LEU B 381 -7.02 -7.26 1.31
C LEU B 381 -6.56 -8.51 2.09
N GLY B 382 -5.67 -8.32 3.06
CA GLY B 382 -5.19 -9.46 3.86
C GLY B 382 -4.69 -8.88 5.17
N LEU B 383 -4.00 -9.70 5.98
CA LEU B 383 -3.49 -9.25 7.27
C LEU B 383 -2.57 -8.03 7.09
N ALA B 384 -1.76 -8.09 6.05
CA ALA B 384 -0.80 -7.03 5.73
C ALA B 384 -1.41 -5.62 5.67
N ASP B 385 -2.67 -5.52 5.26
CA ASP B 385 -3.32 -4.21 5.16
C ASP B 385 -3.67 -3.58 6.50
N PHE B 386 -3.55 -4.37 7.56
CA PHE B 386 -3.85 -3.88 8.91
C PHE B 386 -2.55 -3.69 9.73
N GLN B 387 -1.41 -3.81 9.06
CA GLN B 387 -0.14 -3.64 9.75
C GLN B 387 0.92 -2.91 8.91
N LYS B 388 2.09 -2.71 9.51
CA LYS B 388 3.19 -2.00 8.84
C LYS B 388 4.47 -2.77 9.12
N ARG B 389 5.41 -2.72 8.18
CA ARG B 389 6.72 -3.38 8.32
C ARG B 389 7.66 -2.29 8.80
N THR B 391 11.77 -1.50 9.97
CA THR B 391 13.08 -2.11 9.98
C THR B 391 13.87 -1.62 11.16
N VAL B 392 14.80 -2.45 11.58
CA VAL B 392 15.62 -2.16 12.75
C VAL B 392 17.02 -2.64 12.43
N GLN B 393 18.04 -1.87 12.83
CA GLN B 393 19.40 -2.31 12.64
C GLN B 393 20.25 -1.97 13.85
N GLU B 394 21.18 -2.86 14.17
CA GLU B 394 22.08 -2.63 15.29
C GLU B 394 23.44 -3.11 14.87
N LEU B 395 24.40 -2.20 14.76
CA LEU B 395 25.78 -2.60 14.42
C LEU B 395 26.61 -2.67 15.70
N SER B 396 27.40 -3.72 15.84
CA SER B 396 28.26 -3.84 17.01
C SER B 396 29.50 -3.02 16.69
N LYS B 397 30.36 -2.83 17.69
CA LYS B 397 31.62 -2.08 17.44
C LYS B 397 32.36 -2.74 16.28
N GLU B 398 32.41 -4.07 16.28
CA GLU B 398 33.12 -4.81 15.24
C GLU B 398 32.45 -4.66 13.87
N GLY B 399 31.13 -4.80 13.84
CA GLY B 399 30.37 -4.69 12.60
C GLY B 399 30.50 -3.29 12.03
N PHE B 400 30.36 -2.28 12.88
CA PHE B 400 30.51 -0.90 12.44
C PHE B 400 31.95 -0.70 11.90
N SER B 401 32.95 -1.15 12.65
CA SER B 401 34.33 -0.98 12.20
C SER B 401 34.60 -1.63 10.84
N ALA B 402 33.98 -2.77 10.55
CA ALA B 402 34.26 -3.45 9.29
C ALA B 402 33.56 -2.79 8.12
N LEU B 403 32.49 -2.05 8.41
CA LEU B 403 31.72 -1.42 7.35
C LEU B 403 32.07 0.07 7.20
N ALA B 404 32.80 0.61 8.16
CA ALA B 404 33.10 2.06 8.16
C ALA B 404 33.67 2.63 6.87
N SER B 405 34.76 2.05 6.37
CA SER B 405 35.37 2.56 5.17
C SER B 405 34.44 2.58 3.98
N THR B 406 33.64 1.53 3.84
CA THR B 406 32.65 1.46 2.77
C THR B 406 31.66 2.63 2.89
N ILE B 407 31.10 2.85 4.09
CA ILE B 407 30.16 3.95 4.27
C ILE B 407 30.82 5.30 3.97
N GLU B 408 32.04 5.51 4.47
CA GLU B 408 32.75 6.76 4.20
C GLU B 408 32.90 6.97 2.69
N THR B 409 33.29 5.93 1.97
CA THR B 409 33.48 6.05 0.54
C THR B 409 32.22 6.49 -0.16
N LEU B 410 31.12 5.82 0.16
CA LEU B 410 29.85 6.13 -0.46
C LEU B 410 29.37 7.55 -0.11
N ALA B 411 29.46 7.96 1.16
CA ALA B 411 29.01 9.29 1.57
C ALA B 411 29.82 10.40 0.90
N ALA B 412 31.11 10.15 0.74
CA ALA B 412 32.02 11.12 0.13
C ALA B 412 31.68 11.30 -1.32
N ALA B 413 31.32 10.20 -1.98
CA ALA B 413 30.97 10.21 -3.39
C ALA B 413 29.65 10.97 -3.58
N GLU B 414 28.75 10.95 -2.57
CA GLU B 414 27.51 11.71 -2.68
C GLU B 414 27.68 13.13 -2.15
N ARG B 415 28.89 13.43 -1.68
CA ARG B 415 29.25 14.72 -1.12
C ARG B 415 28.38 15.06 0.10
N LEU B 416 27.99 14.04 0.86
CA LEU B 416 27.18 14.26 2.06
C LEU B 416 28.16 14.19 3.23
N THR B 417 28.77 15.34 3.48
CA THR B 417 29.81 15.48 4.49
C THR B 417 29.40 15.08 5.90
N ALA B 418 28.21 15.47 6.34
CA ALA B 418 27.80 15.09 7.70
C ALA B 418 27.66 13.58 7.82
N HIS B 419 27.10 12.94 6.79
CA HIS B 419 26.95 11.48 6.77
C HIS B 419 28.31 10.81 6.94
N LYS B 420 29.31 11.40 6.30
CA LYS B 420 30.65 10.87 6.37
C LYS B 420 31.26 11.17 7.74
N ASN B 421 31.04 12.37 8.26
CA ASN B 421 31.65 12.70 9.55
C ASN B 421 31.07 11.87 10.67
N ALA B 422 29.82 11.42 10.53
CA ALA B 422 29.18 10.58 11.54
C ALA B 422 29.97 9.29 11.69
N VAL B 423 30.52 8.83 10.58
CA VAL B 423 31.33 7.62 10.61
C VAL B 423 32.71 7.91 11.25
N THR B 424 33.39 8.91 10.72
CA THR B 424 34.73 9.28 11.22
C THR B 424 34.78 9.50 12.72
N LEU B 425 33.77 10.19 13.26
CA LEU B 425 33.74 10.44 14.70
C LEU B 425 33.74 9.13 15.47
N ARG B 426 32.95 8.16 15.01
CA ARG B 426 32.91 6.86 15.72
C ARG B 426 34.21 6.06 15.53
N VAL B 427 34.75 6.05 14.31
CA VAL B 427 36.02 5.36 14.06
C VAL B 427 37.09 5.91 15.01
N ASN B 428 37.17 7.25 15.12
CA ASN B 428 38.17 7.84 16.00
C ASN B 428 37.93 7.55 17.48
N ALA B 429 36.66 7.47 17.89
CA ALA B 429 36.32 7.18 19.28
C ALA B 429 36.78 5.77 19.63
N LEU B 430 36.64 4.85 18.67
CA LEU B 430 37.04 3.46 18.89
C LEU B 430 38.55 3.28 18.97
N LYS B 431 39.29 4.05 18.17
CA LYS B 431 40.76 3.99 18.21
C LYS B 431 41.21 4.48 19.58
N GLU B 432 40.63 5.59 20.04
CA GLU B 432 40.93 6.17 21.34
C GLU B 432 40.69 5.17 22.44
N GLN B 433 39.72 4.30 22.22
CA GLN B 433 39.34 3.27 23.17
C GLN B 433 40.28 2.06 23.07
N ALA B 434 40.93 1.89 21.93
CA ALA B 434 41.84 0.77 21.72
C ALA B 434 42.41 0.75 20.30
#